data_9J2W
#
_entry.id   9J2W
#
_cell.length_a   216.292
_cell.length_b   47.502
_cell.length_c   87.581
_cell.angle_alpha   90.00
_cell.angle_beta   113.53
_cell.angle_gamma   90.00
#
_symmetry.space_group_name_H-M   'C 1 2 1'
#
loop_
_entity.id
_entity.type
_entity.pdbx_description
1 polymer 'Cyclic GMP-AMP synthase'
2 non-polymer 2-(1~{H}-benzimidazol-2-yl)-4-[[1-(1~{H}-benzimidazol-2-yl)-3-methyl-5-oxidanyl-pyrazol-4-yl]-pyridin-2-yl-methyl]-5-methyl-pyrazol-3-ol
3 non-polymer 'ZINC ION'
4 water water
#
_entity_poly.entity_id   1
_entity_poly.type   'polypeptide(L)'
_entity_poly.pdbx_seq_one_letter_code
;DAAPGASKLRAVLEKLKLSRDDISTAAGMVKGVVDHLLLRLKCDSAFRGVGLLNTGSYYEHVKISAPNEFDVMFKLEVPR
IQLEEYSNTRAYYFVKFKRNPKENPLSQFLEGEILSASKMLSKFRKIIKEEINDIKDTDVIMKRKRGGSPAVTLLISEKI
SVDITLALESKSSWPASTQEGLRIQNWLSAKVRKQLRLKPFYLVPKHAKEGNGFQEETWRLSFSHIEKEILNNHGKSKTC
CENKEEKCCRKDCLKLMKYLLEQLKERFKDKKHLDKFSSYHVKTAFFHVCTQNPQDSQWDRKDLGLCFDNCVTYFLQCLR
TEKLENYFIPEFNLFSSNLIDKRSKEFLTKQIEYERNNEFPVFDEF
;
_entity_poly.pdbx_strand_id   A,B
#
# COMPACT_ATOMS: atom_id res chain seq x y z
N GLY A 5 20.74 -22.73 -23.89
CA GLY A 5 19.72 -22.58 -24.91
C GLY A 5 18.81 -21.39 -24.69
N ALA A 6 19.10 -20.63 -23.63
CA ALA A 6 18.27 -19.47 -23.28
C ALA A 6 18.37 -18.34 -24.30
N SER A 7 19.40 -18.35 -25.16
CA SER A 7 19.54 -17.30 -26.15
C SER A 7 18.34 -17.22 -27.08
N LYS A 8 17.74 -18.37 -27.42
CA LYS A 8 16.54 -18.37 -28.25
C LYS A 8 15.35 -17.76 -27.52
N LEU A 9 15.21 -18.07 -26.23
CA LEU A 9 14.16 -17.44 -25.43
C LEU A 9 14.34 -15.92 -25.39
N ARG A 10 15.59 -15.47 -25.29
CA ARG A 10 15.86 -14.03 -25.29
C ARG A 10 15.50 -13.40 -26.62
N ALA A 11 15.79 -14.10 -27.72
CA ALA A 11 15.39 -13.61 -29.04
C ALA A 11 13.87 -13.47 -29.13
N VAL A 12 13.14 -14.48 -28.63
CA VAL A 12 11.68 -14.44 -28.62
C VAL A 12 11.20 -13.22 -27.85
N LEU A 13 11.76 -12.99 -26.67
CA LEU A 13 11.34 -11.85 -25.86
C LEU A 13 11.66 -10.52 -26.53
N GLU A 14 12.78 -10.46 -27.24
CA GLU A 14 13.11 -9.25 -27.99
C GLU A 14 12.04 -8.95 -29.05
N LYS A 15 11.67 -9.97 -29.83
CA LYS A 15 10.65 -9.76 -30.86
C LYS A 15 9.32 -9.36 -30.24
N LEU A 16 8.93 -10.02 -29.13
CA LEU A 16 7.68 -9.70 -28.47
C LEU A 16 7.67 -8.25 -27.98
N LYS A 17 8.84 -7.75 -27.57
CA LYS A 17 8.92 -6.36 -27.01
C LYS A 17 8.87 -5.32 -28.14
N LEU A 18 9.53 -5.58 -29.26
CA LEU A 18 9.57 -4.60 -30.37
C LEU A 18 8.13 -4.34 -30.84
N SER A 19 7.21 -5.27 -30.54
CA SER A 19 5.78 -5.05 -30.90
C SER A 19 5.05 -4.41 -29.72
N ILE A 23 1.28 1.45 -30.20
CA ILE A 23 1.47 0.93 -28.81
C ILE A 23 0.74 1.87 -27.86
N SER A 24 1.45 2.88 -27.33
CA SER A 24 0.76 3.89 -26.50
C SER A 24 -0.16 4.70 -27.42
N THR A 25 0.09 4.63 -28.73
CA THR A 25 -0.77 5.32 -29.71
C THR A 25 -2.12 4.67 -29.66
N ALA A 26 -2.18 3.40 -30.04
CA ALA A 26 -3.42 2.66 -30.03
C ALA A 26 -4.15 2.81 -28.70
N ALA A 27 -3.40 2.80 -27.60
CA ALA A 27 -4.01 2.94 -26.29
C ALA A 27 -4.62 4.32 -26.11
N GLY A 28 -4.02 5.34 -26.75
CA GLY A 28 -4.65 6.65 -26.74
C GLY A 28 -6.01 6.65 -27.40
N MET A 29 -6.10 5.99 -28.57
CA MET A 29 -7.40 5.87 -29.22
C MET A 29 -8.40 5.14 -28.32
N VAL A 30 -7.97 4.01 -27.74
CA VAL A 30 -8.83 3.23 -26.85
C VAL A 30 -9.28 4.08 -25.67
N LYS A 31 -8.36 4.89 -25.13
CA LYS A 31 -8.67 5.73 -23.97
C LYS A 31 -9.75 6.76 -24.30
N GLY A 32 -9.63 7.40 -25.48
CA GLY A 32 -10.69 8.29 -25.91
C GLY A 32 -12.05 7.61 -25.89
N VAL A 33 -12.13 6.44 -26.54
CA VAL A 33 -13.42 5.74 -26.62
C VAL A 33 -13.93 5.36 -25.22
N VAL A 34 -13.05 4.89 -24.34
CA VAL A 34 -13.52 4.38 -23.05
C VAL A 34 -13.99 5.53 -22.17
N ASP A 35 -13.29 6.67 -22.19
CA ASP A 35 -13.77 7.82 -21.43
C ASP A 35 -15.15 8.23 -21.91
N HIS A 36 -15.35 8.26 -23.23
CA HIS A 36 -16.68 8.61 -23.76
C HIS A 36 -17.76 7.66 -23.24
N LEU A 37 -17.51 6.35 -23.36
CA LEU A 37 -18.51 5.37 -22.92
C LEU A 37 -18.81 5.51 -21.45
N LEU A 38 -17.77 5.75 -20.64
CA LEU A 38 -17.98 5.85 -19.20
C LEU A 38 -18.82 7.07 -18.84
N LEU A 39 -18.62 8.19 -19.55
CA LEU A 39 -19.48 9.35 -19.32
C LEU A 39 -20.94 9.02 -19.62
N ARG A 40 -21.18 8.41 -20.79
CA ARG A 40 -22.56 8.07 -21.14
C ARG A 40 -23.18 7.15 -20.09
N LEU A 41 -22.43 6.14 -19.63
CA LEU A 41 -22.94 5.23 -18.62
C LEU A 41 -23.20 5.97 -17.30
N LYS A 42 -22.32 6.88 -16.93
CA LYS A 42 -22.48 7.64 -15.69
C LYS A 42 -23.74 8.49 -15.71
N CYS A 43 -24.24 8.87 -16.89
CA CYS A 43 -25.51 9.58 -16.91
C CYS A 43 -26.69 8.72 -16.47
N ASP A 44 -26.55 7.40 -16.42
CA ASP A 44 -27.66 6.53 -16.04
C ASP A 44 -27.68 6.32 -14.53
N SER A 45 -28.91 6.17 -13.98
CA SER A 45 -29.07 6.02 -12.54
C SER A 45 -28.42 4.73 -12.04
N ALA A 46 -28.48 3.66 -12.83
CA ALA A 46 -27.98 2.37 -12.38
C ALA A 46 -26.46 2.26 -12.50
N PHE A 47 -25.87 2.90 -13.50
CA PHE A 47 -24.44 2.82 -13.76
C PHE A 47 -23.72 4.12 -13.45
N ARG A 48 -24.25 4.90 -12.51
CA ARG A 48 -23.65 6.20 -12.18
C ARG A 48 -22.25 6.03 -11.59
N GLY A 49 -22.07 5.00 -10.76
CA GLY A 49 -20.78 4.74 -10.16
C GLY A 49 -19.81 3.99 -11.04
N VAL A 50 -20.13 3.84 -12.33
CA VAL A 50 -19.26 3.08 -13.22
C VAL A 50 -17.88 3.73 -13.27
N GLY A 51 -16.86 2.89 -13.42
CA GLY A 51 -15.51 3.39 -13.42
C GLY A 51 -14.56 2.32 -13.88
N LEU A 52 -13.29 2.72 -13.99
CA LEU A 52 -12.23 1.81 -14.35
C LEU A 52 -11.55 1.34 -13.08
N LEU A 53 -11.06 0.10 -13.11
CA LEU A 53 -10.42 -0.48 -11.94
C LEU A 53 -9.16 0.27 -11.53
N TYR A 59 -6.15 -0.50 -19.85
CA TYR A 59 -5.80 -1.39 -20.93
C TYR A 59 -4.99 -2.60 -20.45
N GLU A 60 -5.30 -3.76 -21.05
CA GLU A 60 -4.56 -4.98 -20.81
C GLU A 60 -4.63 -5.82 -22.08
N HIS A 61 -3.58 -6.61 -22.31
CA HIS A 61 -3.50 -7.47 -23.47
C HIS A 61 -3.52 -8.91 -22.99
N VAL A 62 -4.68 -9.55 -23.15
CA VAL A 62 -4.86 -10.93 -22.70
C VAL A 62 -3.89 -11.85 -23.43
N LYS A 63 -3.73 -11.65 -24.73
CA LYS A 63 -2.76 -12.41 -25.52
C LYS A 63 -1.56 -11.52 -25.79
N ILE A 64 -0.37 -11.98 -25.39
CA ILE A 64 0.83 -11.19 -25.58
C ILE A 64 1.16 -11.00 -27.06
N SER A 65 0.64 -11.85 -27.95
CA SER A 65 0.95 -11.80 -29.36
C SER A 65 -0.01 -10.93 -30.17
N ALA A 66 -1.03 -10.36 -29.54
CA ALA A 66 -2.07 -9.59 -30.21
C ALA A 66 -2.04 -8.16 -29.68
N PRO A 67 -1.10 -7.34 -30.13
CA PRO A 67 -0.96 -6.00 -29.54
C PRO A 67 -2.16 -5.09 -29.77
N ASN A 68 -3.05 -5.42 -30.70
CA ASN A 68 -4.17 -4.56 -31.03
C ASN A 68 -5.50 -5.05 -30.47
N GLU A 69 -5.49 -6.11 -29.66
CA GLU A 69 -6.71 -6.59 -29.01
C GLU A 69 -6.61 -6.27 -27.53
N PHE A 70 -7.47 -5.37 -27.08
CA PHE A 70 -7.43 -4.79 -25.73
C PHE A 70 -8.53 -5.41 -24.87
N ASP A 71 -8.31 -5.33 -23.56
CA ASP A 71 -9.24 -5.89 -22.57
C ASP A 71 -9.33 -4.91 -21.41
N VAL A 72 -10.51 -4.32 -21.22
CA VAL A 72 -10.73 -3.39 -20.13
C VAL A 72 -11.94 -3.86 -19.33
N MET A 73 -12.07 -3.33 -18.11
CA MET A 73 -13.10 -3.74 -17.18
C MET A 73 -13.79 -2.50 -16.61
N PHE A 74 -15.11 -2.42 -16.78
CA PHE A 74 -15.90 -1.37 -16.17
C PHE A 74 -16.47 -1.87 -14.85
N LYS A 75 -16.05 -1.26 -13.74
CA LYS A 75 -16.50 -1.67 -12.43
C LYS A 75 -17.70 -0.85 -11.97
N LEU A 76 -18.41 -1.38 -11.00
CA LEU A 76 -19.54 -0.70 -10.38
C LEU A 76 -19.63 -1.15 -8.93
N GLU A 77 -19.54 -0.22 -7.99
CA GLU A 77 -19.57 -0.60 -6.58
C GLU A 77 -20.97 -1.03 -6.16
N VAL A 78 -21.02 -2.12 -5.41
CA VAL A 78 -22.25 -2.63 -4.81
C VAL A 78 -22.07 -2.65 -3.31
N PRO A 79 -22.54 -1.61 -2.61
CA PRO A 79 -22.39 -1.57 -1.15
C PRO A 79 -23.31 -2.56 -0.46
N ARG A 80 -22.85 -3.06 0.68
CA ARG A 80 -23.57 -4.03 1.52
C ARG A 80 -24.15 -5.16 0.69
N ILE A 81 -23.25 -5.88 0.02
CA ILE A 81 -23.63 -6.99 -0.85
C ILE A 81 -23.81 -8.24 -0.01
N GLN A 82 -24.68 -9.15 -0.48
CA GLN A 82 -24.94 -10.42 0.20
C GLN A 82 -24.76 -11.53 -0.83
N LEU A 83 -23.74 -12.35 -0.64
CA LEU A 83 -23.42 -13.39 -1.61
C LEU A 83 -24.04 -14.72 -1.19
N GLU A 84 -24.55 -15.45 -2.19
CA GLU A 84 -25.10 -16.80 -2.00
C GLU A 84 -24.29 -17.75 -2.87
N GLU A 85 -23.56 -18.66 -2.23
CA GLU A 85 -22.71 -19.56 -3.00
C GLU A 85 -23.57 -20.54 -3.79
N TYR A 86 -23.32 -20.61 -5.09
CA TYR A 86 -24.04 -21.53 -5.97
C TYR A 86 -23.40 -22.90 -5.92
N SER A 87 -24.14 -23.89 -5.40
CA SER A 87 -23.82 -25.31 -5.56
C SER A 87 -22.44 -25.67 -5.01
N ASN A 88 -21.98 -24.95 -3.98
CA ASN A 88 -20.67 -25.18 -3.38
C ASN A 88 -19.56 -25.18 -4.43
N THR A 89 -19.71 -24.36 -5.47
CA THR A 89 -18.71 -24.25 -6.53
C THR A 89 -17.51 -23.41 -6.11
N ARG A 90 -17.57 -22.72 -4.97
CA ARG A 90 -16.49 -21.94 -4.39
C ARG A 90 -16.20 -20.66 -5.17
N ALA A 91 -16.58 -20.61 -6.45
CA ALA A 91 -16.26 -19.47 -7.29
C ALA A 91 -17.47 -18.74 -7.86
N TYR A 92 -18.64 -19.38 -7.93
CA TYR A 92 -19.83 -18.80 -8.53
C TYR A 92 -20.84 -18.46 -7.45
N TYR A 93 -21.48 -17.30 -7.59
CA TYR A 93 -22.36 -16.78 -6.55
C TYR A 93 -23.57 -16.08 -7.16
N PHE A 94 -24.67 -16.10 -6.40
CA PHE A 94 -25.80 -15.21 -6.61
C PHE A 94 -25.59 -13.94 -5.81
N VAL A 95 -25.99 -12.81 -6.38
CA VAL A 95 -25.80 -11.51 -5.76
C VAL A 95 -27.15 -11.03 -5.24
N LYS A 96 -27.25 -11.08 -3.91
CA LYS A 96 -28.45 -10.54 -3.24
C LYS A 96 -28.02 -9.23 -2.59
N PHE A 97 -28.96 -8.53 -1.94
CA PHE A 97 -28.63 -7.19 -1.38
C PHE A 97 -29.07 -7.14 0.09
N LYS A 98 -28.23 -6.53 0.93
CA LYS A 98 -28.55 -6.39 2.36
C LYS A 98 -28.98 -4.94 2.65
N GLU A 103 -33.08 3.02 -2.41
CA GLU A 103 -31.87 2.69 -1.67
C GLU A 103 -31.01 1.69 -2.42
N ASN A 104 -31.50 1.22 -3.57
CA ASN A 104 -30.79 0.25 -4.39
C ASN A 104 -30.93 0.68 -5.85
N PRO A 105 -29.90 1.34 -6.41
CA PRO A 105 -29.98 1.78 -7.81
C PRO A 105 -29.99 0.65 -8.83
N LEU A 106 -29.71 -0.59 -8.41
CA LEU A 106 -29.77 -1.75 -9.29
C LEU A 106 -31.09 -2.49 -9.18
N SER A 107 -32.08 -1.89 -8.51
CA SER A 107 -33.37 -2.53 -8.32
C SER A 107 -34.03 -2.82 -9.65
N GLN A 108 -33.69 -2.05 -10.68
CA GLN A 108 -34.27 -2.28 -12.01
C GLN A 108 -33.94 -3.65 -12.57
N PHE A 109 -32.89 -4.29 -12.05
CA PHE A 109 -32.37 -5.53 -12.62
C PHE A 109 -32.64 -6.75 -11.72
N LEU A 110 -33.51 -6.62 -10.72
CA LEU A 110 -33.79 -7.74 -9.85
C LEU A 110 -34.75 -8.73 -10.49
N GLU A 111 -34.54 -10.00 -10.21
CA GLU A 111 -35.46 -11.08 -10.51
C GLU A 111 -35.71 -11.76 -9.16
N GLY A 112 -36.77 -11.33 -8.48
CA GLY A 112 -36.92 -11.68 -7.09
C GLY A 112 -35.96 -10.87 -6.25
N GLU A 113 -35.08 -11.54 -5.49
CA GLU A 113 -34.09 -10.86 -4.68
C GLU A 113 -32.69 -10.91 -5.28
N ILE A 114 -32.50 -11.57 -6.42
CA ILE A 114 -31.19 -11.76 -7.02
C ILE A 114 -31.01 -10.73 -8.13
N LEU A 115 -29.84 -10.10 -8.15
CA LEU A 115 -29.46 -9.27 -9.29
C LEU A 115 -29.34 -10.16 -10.52
N SER A 116 -30.13 -9.86 -11.55
CA SER A 116 -30.06 -10.63 -12.78
C SER A 116 -28.92 -10.13 -13.65
N ALA A 117 -27.93 -11.00 -13.91
CA ALA A 117 -26.89 -10.65 -14.86
C ALA A 117 -27.45 -10.41 -16.24
N SER A 118 -28.53 -11.11 -16.60
CA SER A 118 -29.13 -10.98 -17.92
C SER A 118 -29.64 -9.55 -18.15
N LYS A 119 -30.48 -9.06 -17.24
CA LYS A 119 -31.07 -7.72 -17.42
C LYS A 119 -30.01 -6.63 -17.33
N MET A 120 -29.12 -6.74 -16.34
CA MET A 120 -28.07 -5.74 -16.18
C MET A 120 -27.20 -5.67 -17.43
N LEU A 121 -26.79 -6.83 -17.96
CA LEU A 121 -25.96 -6.83 -19.16
C LEU A 121 -26.73 -6.35 -20.38
N SER A 122 -28.03 -6.67 -20.48
CA SER A 122 -28.84 -6.16 -21.59
C SER A 122 -28.82 -4.64 -21.61
N LYS A 123 -29.08 -4.02 -20.46
CA LYS A 123 -29.06 -2.55 -20.37
C LYS A 123 -27.66 -2.00 -20.63
N PHE A 124 -26.63 -2.64 -20.05
CA PHE A 124 -25.25 -2.21 -20.26
C PHE A 124 -24.90 -2.17 -21.74
N ARG A 125 -25.24 -3.25 -22.47
CA ARG A 125 -25.01 -3.28 -23.91
C ARG A 125 -25.82 -2.20 -24.62
N LYS A 126 -27.07 -2.01 -24.19
CA LYS A 126 -27.92 -0.96 -24.80
C LYS A 126 -27.16 0.38 -24.82
N ILE A 127 -26.69 0.84 -23.66
CA ILE A 127 -26.02 2.18 -23.62
C ILE A 127 -24.84 2.12 -24.58
N ILE A 128 -23.93 1.18 -24.35
CA ILE A 128 -22.77 1.02 -25.28
C ILE A 128 -23.28 1.31 -26.70
N MET A 142 -19.14 -2.25 -33.28
CA MET A 142 -19.53 -2.96 -32.04
C MET A 142 -19.96 -4.39 -32.38
N LYS A 143 -19.95 -5.30 -31.41
CA LYS A 143 -20.32 -6.72 -31.66
C LYS A 143 -20.68 -7.41 -30.35
N ARG A 144 -21.29 -8.59 -30.42
CA ARG A 144 -21.71 -9.33 -29.25
C ARG A 144 -20.65 -9.38 -28.14
N GLY A 148 -21.42 -13.65 -21.92
CA GLY A 148 -21.41 -13.14 -20.57
C GLY A 148 -20.34 -12.09 -20.32
N SER A 149 -19.16 -12.54 -19.95
CA SER A 149 -18.05 -11.64 -19.67
C SER A 149 -16.99 -11.72 -20.78
N ALA A 151 -18.57 -8.97 -22.58
CA ALA A 151 -19.92 -8.53 -22.82
C ALA A 151 -19.99 -7.72 -24.11
N VAL A 152 -18.98 -6.91 -24.43
CA VAL A 152 -19.07 -6.21 -25.71
C VAL A 152 -17.70 -6.12 -26.36
N THR A 153 -17.67 -6.32 -27.67
CA THR A 153 -16.45 -6.16 -28.48
C THR A 153 -16.63 -4.99 -29.42
N LEU A 154 -15.86 -3.92 -29.20
CA LEU A 154 -15.91 -2.72 -30.02
C LEU A 154 -14.70 -2.70 -30.94
N LEU A 155 -14.83 -2.11 -32.13
CA LEU A 155 -13.68 -1.97 -33.07
C LEU A 155 -13.35 -0.48 -33.24
N ILE A 156 -12.07 -0.11 -33.29
CA ILE A 156 -11.69 1.32 -33.31
C ILE A 156 -10.29 1.46 -33.91
N GLU A 158 -9.94 0.37 -37.76
CA GLU A 158 -10.10 -0.89 -38.52
C GLU A 158 -9.33 -2.03 -37.86
N LYS A 159 -8.28 -1.73 -37.09
CA LYS A 159 -7.42 -2.80 -36.54
C LYS A 159 -7.61 -3.04 -35.03
N ILE A 160 -8.06 -2.03 -34.28
CA ILE A 160 -8.08 -2.20 -32.80
C ILE A 160 -9.39 -2.81 -32.32
N SER A 161 -9.29 -3.86 -31.49
CA SER A 161 -10.47 -4.42 -30.84
C SER A 161 -10.39 -4.21 -29.34
N VAL A 162 -11.55 -4.02 -28.73
CA VAL A 162 -11.67 -3.74 -27.30
C VAL A 162 -12.79 -4.58 -26.74
N ASP A 163 -12.47 -5.54 -25.88
CA ASP A 163 -13.48 -6.31 -25.17
C ASP A 163 -13.75 -5.64 -23.83
N ILE A 164 -15.01 -5.31 -23.57
CA ILE A 164 -15.43 -4.73 -22.31
C ILE A 164 -16.24 -5.76 -21.53
N THR A 165 -15.83 -5.94 -20.26
CA THR A 165 -16.44 -6.79 -19.25
C THR A 165 -17.00 -5.90 -18.14
N LEU A 166 -18.20 -6.20 -17.68
CA LEU A 166 -18.81 -5.53 -16.54
C LEU A 166 -18.48 -6.27 -15.25
N ALA A 167 -18.28 -5.54 -14.16
CA ALA A 167 -17.89 -6.16 -12.90
C ALA A 167 -18.45 -5.37 -11.73
N LEU A 168 -18.97 -6.08 -10.74
CA LEU A 168 -19.37 -5.50 -9.47
C LEU A 168 -18.15 -5.44 -8.55
N GLU A 169 -18.01 -4.32 -7.85
CA GLU A 169 -16.95 -4.10 -6.88
C GLU A 169 -17.54 -4.20 -5.48
N SER A 170 -16.88 -4.98 -4.62
CA SER A 170 -17.31 -5.06 -3.22
C SER A 170 -16.12 -4.78 -2.32
N LYS A 171 -16.33 -3.93 -1.32
CA LYS A 171 -15.34 -3.61 -0.32
C LYS A 171 -15.56 -4.37 0.98
N SER A 172 -16.49 -5.32 0.98
CA SER A 172 -16.63 -6.26 2.08
C SER A 172 -15.44 -7.23 2.08
N SER A 173 -15.33 -8.00 3.16
CA SER A 173 -14.28 -9.00 3.25
C SER A 173 -14.45 -10.05 2.16
N TRP A 174 -13.35 -10.69 1.80
CA TRP A 174 -13.37 -11.68 0.73
C TRP A 174 -14.18 -12.91 1.17
N PRO A 175 -14.79 -13.61 0.21
CA PRO A 175 -15.60 -14.79 0.57
C PRO A 175 -14.75 -15.85 1.27
N ALA A 176 -15.45 -16.71 2.02
CA ALA A 176 -14.79 -17.73 2.82
C ALA A 176 -14.04 -18.76 1.97
N SER A 177 -14.36 -18.85 0.68
CA SER A 177 -13.64 -19.78 -0.19
C SER A 177 -12.22 -19.30 -0.50
N THR A 178 -11.86 -18.09 -0.12
CA THR A 178 -10.53 -17.55 -0.35
C THR A 178 -9.63 -17.64 0.88
N GLN A 179 -10.15 -18.18 2.00
CA GLN A 179 -9.46 -18.07 3.27
C GLN A 179 -8.04 -18.65 3.20
N GLU A 180 -7.86 -19.73 2.45
CA GLU A 180 -6.57 -20.40 2.34
C GLU A 180 -5.88 -20.13 1.01
N GLY A 181 -6.35 -19.15 0.24
CA GLY A 181 -5.71 -18.79 -1.02
C GLY A 181 -4.70 -17.68 -0.83
N LEU A 182 -4.09 -17.29 -1.96
CA LEU A 182 -3.11 -16.21 -2.01
C LEU A 182 -1.97 -16.45 -1.01
N ARG A 183 -1.40 -17.65 -1.09
CA ARG A 183 -0.39 -18.09 -0.12
C ARG A 183 0.97 -17.50 -0.51
N ILE A 184 1.11 -16.21 -0.25
CA ILE A 184 2.31 -15.46 -0.59
C ILE A 184 3.17 -15.16 0.64
N GLN A 185 2.79 -15.65 1.80
CA GLN A 185 3.48 -15.26 3.06
C GLN A 185 4.99 -15.53 3.02
N ASN A 186 5.43 -16.61 2.38
CA ASN A 186 6.88 -16.95 2.40
C ASN A 186 7.61 -16.21 1.28
N TRP A 187 6.85 -15.53 0.41
CA TRP A 187 7.42 -14.86 -0.77
C TRP A 187 7.25 -13.34 -0.64
N LEU A 188 6.01 -12.86 -0.69
CA LEU A 188 5.80 -11.42 -0.60
C LEU A 188 5.50 -10.94 0.81
N SER A 189 5.22 -11.85 1.75
CA SER A 189 5.07 -11.67 3.20
C SER A 189 3.63 -11.70 3.66
N ALA A 190 3.42 -12.05 4.94
CA ALA A 190 2.08 -12.08 5.52
C ALA A 190 1.50 -10.67 5.64
N LYS A 191 2.36 -9.68 5.87
CA LYS A 191 1.93 -8.29 5.92
C LYS A 191 1.33 -7.86 4.57
N VAL A 192 2.02 -8.19 3.48
CA VAL A 192 1.50 -7.88 2.15
C VAL A 192 0.20 -8.64 1.88
N ARG A 193 0.12 -9.89 2.35
CA ARG A 193 -1.12 -10.65 2.15
C ARG A 193 -2.29 -9.97 2.83
N LYS A 194 -2.08 -9.51 4.08
CA LYS A 194 -3.14 -8.82 4.79
C LYS A 194 -3.57 -7.55 4.05
N GLN A 195 -2.58 -6.72 3.68
CA GLN A 195 -2.87 -5.49 2.95
C GLN A 195 -3.64 -5.77 1.65
N LEU A 196 -3.26 -6.82 0.93
CA LEU A 196 -3.97 -7.16 -0.30
C LEU A 196 -5.39 -7.61 -0.01
N ARG A 197 -5.58 -8.39 1.05
CA ARG A 197 -6.92 -8.88 1.38
C ARG A 197 -7.79 -7.78 1.97
N LEU A 198 -7.23 -6.63 2.33
CA LEU A 198 -8.05 -5.49 2.68
C LEU A 198 -8.62 -4.76 1.47
N LYS A 199 -8.24 -5.15 0.24
CA LYS A 199 -8.68 -4.46 -0.98
C LYS A 199 -10.00 -5.03 -1.49
N PRO A 200 -10.71 -4.31 -2.37
CA PRO A 200 -11.97 -4.83 -2.88
C PRO A 200 -11.77 -6.10 -3.70
N PHE A 201 -12.86 -6.84 -3.89
CA PHE A 201 -12.90 -7.98 -4.81
C PHE A 201 -13.99 -7.76 -5.84
N TYR A 202 -13.94 -8.50 -6.96
CA TYR A 202 -14.86 -8.20 -8.03
C TYR A 202 -15.67 -9.44 -8.42
N LEU A 203 -16.80 -9.18 -9.08
CA LEU A 203 -17.73 -10.24 -9.51
C LEU A 203 -18.12 -9.96 -10.95
N VAL A 204 -17.85 -10.90 -11.84
CA VAL A 204 -18.18 -10.73 -13.25
C VAL A 204 -19.31 -11.68 -13.63
N PRO A 205 -20.23 -11.28 -14.51
CA PRO A 205 -21.34 -12.18 -14.86
C PRO A 205 -20.84 -13.36 -15.68
N LYS A 206 -21.19 -14.57 -15.23
CA LYS A 206 -20.70 -15.76 -15.91
C LYS A 206 -21.58 -16.95 -15.60
N HIS A 207 -21.90 -17.72 -16.63
CA HIS A 207 -22.75 -18.90 -16.44
C HIS A 207 -22.02 -19.98 -15.66
N ALA A 208 -22.74 -20.63 -14.77
CA ALA A 208 -22.21 -21.81 -14.08
C ALA A 208 -22.98 -23.04 -14.54
N GLN A 215 -26.93 -22.56 -14.87
CA GLN A 215 -27.67 -21.51 -14.18
C GLN A 215 -27.17 -20.12 -14.60
N GLU A 216 -28.07 -19.27 -15.10
CA GLU A 216 -27.70 -18.12 -15.91
C GLU A 216 -27.54 -16.81 -15.14
N GLU A 217 -27.85 -16.76 -13.85
CA GLU A 217 -27.79 -15.52 -13.10
C GLU A 217 -26.67 -15.51 -12.06
N THR A 218 -25.60 -16.25 -12.31
CA THR A 218 -24.50 -16.33 -11.36
C THR A 218 -23.38 -15.36 -11.73
N TRP A 219 -22.64 -14.94 -10.70
CA TRP A 219 -21.48 -14.08 -10.86
C TRP A 219 -20.26 -14.81 -10.32
N ARG A 220 -19.12 -14.61 -10.96
CA ARG A 220 -17.89 -15.33 -10.65
C ARG A 220 -16.85 -14.37 -10.08
N LEU A 221 -16.14 -14.85 -9.06
CA LEU A 221 -15.12 -14.04 -8.39
C LEU A 221 -13.99 -13.69 -9.34
N SER A 222 -13.51 -12.46 -9.22
CA SER A 222 -12.39 -11.97 -10.01
C SER A 222 -11.43 -11.23 -9.11
N PHE A 223 -10.15 -11.59 -9.23
CA PHE A 223 -9.03 -10.99 -8.51
C PHE A 223 -7.94 -10.53 -9.47
N SER A 224 -8.30 -10.19 -10.70
CA SER A 224 -7.31 -9.81 -11.71
C SER A 224 -6.47 -8.62 -11.25
N HIS A 225 -7.05 -7.73 -10.45
CA HIS A 225 -6.30 -6.59 -9.94
C HIS A 225 -5.18 -7.05 -9.02
N ILE A 226 -5.44 -8.06 -8.19
CA ILE A 226 -4.40 -8.56 -7.30
C ILE A 226 -3.30 -9.25 -8.11
N GLU A 227 -3.68 -10.02 -9.14
CA GLU A 227 -2.70 -10.64 -10.00
C GLU A 227 -1.78 -9.58 -10.60
N LYS A 228 -2.37 -8.50 -11.12
CA LYS A 228 -1.57 -7.44 -11.71
C LYS A 228 -0.63 -6.81 -10.68
N GLU A 229 -1.16 -6.48 -9.50
CA GLU A 229 -0.32 -5.83 -8.49
C GLU A 229 0.85 -6.73 -8.07
N ILE A 230 0.62 -8.04 -8.02
CA ILE A 230 1.71 -8.94 -7.67
C ILE A 230 2.74 -9.02 -8.80
N LEU A 231 2.27 -9.09 -10.05
CA LEU A 231 3.19 -9.22 -11.17
C LEU A 231 4.11 -8.02 -11.31
N ASN A 232 3.63 -6.83 -10.98
CA ASN A 232 4.43 -5.60 -11.10
C ASN A 232 5.15 -5.24 -9.81
N ASN A 233 5.01 -6.04 -8.76
CA ASN A 233 5.66 -5.88 -7.46
C ASN A 233 5.89 -7.29 -6.94
N HIS A 234 6.85 -7.98 -7.55
CA HIS A 234 6.89 -9.44 -7.59
C HIS A 234 8.02 -10.07 -6.80
N GLY A 235 8.94 -9.29 -6.25
CA GLY A 235 10.11 -9.84 -5.60
C GLY A 235 9.95 -9.92 -4.09
N LYS A 236 10.80 -10.73 -3.47
CA LYS A 236 10.94 -10.67 -2.01
C LYS A 236 11.63 -9.39 -1.60
N SER A 237 12.61 -8.95 -2.39
CA SER A 237 13.23 -7.65 -2.18
C SER A 237 12.37 -6.56 -2.82
N LYS A 238 12.21 -5.45 -2.10
CA LYS A 238 11.40 -4.36 -2.62
C LYS A 238 12.04 -3.71 -3.84
N THR A 239 13.38 -3.76 -3.94
CA THR A 239 14.10 -3.21 -5.07
C THR A 239 14.36 -4.23 -6.17
N CYS A 240 13.63 -5.34 -6.16
CA CYS A 240 13.77 -6.33 -7.23
C CYS A 240 13.53 -5.67 -8.59
N CYS A 241 14.51 -5.83 -9.48
CA CYS A 241 14.46 -5.33 -10.85
C CYS A 241 14.59 -3.82 -10.94
N GLU A 242 15.02 -3.15 -9.87
CA GLU A 242 15.30 -1.73 -9.91
C GLU A 242 16.79 -1.42 -10.08
N ASN A 243 17.64 -2.44 -10.09
CA ASN A 243 19.07 -2.25 -10.28
C ASN A 243 19.67 -3.49 -10.95
N LYS A 244 20.89 -3.34 -11.44
CA LYS A 244 21.55 -4.44 -12.15
C LYS A 244 21.80 -5.63 -11.23
N GLU A 245 22.08 -5.37 -9.95
CA GLU A 245 22.36 -6.44 -9.01
C GLU A 245 21.15 -7.34 -8.76
N GLU A 246 19.94 -6.83 -8.99
CA GLU A 246 18.71 -7.53 -8.61
C GLU A 246 17.78 -7.69 -9.80
N LYS A 247 18.29 -8.09 -10.95
CA LYS A 247 17.44 -8.36 -12.10
C LYS A 247 16.98 -9.82 -12.05
N CYS A 248 15.66 -10.03 -12.07
CA CYS A 248 15.09 -11.36 -12.08
C CYS A 248 14.35 -11.59 -13.39
N CYS A 249 13.90 -12.83 -13.60
CA CYS A 249 13.27 -13.22 -14.86
C CYS A 249 11.84 -13.72 -14.68
N ARG A 250 11.18 -13.31 -13.60
CA ARG A 250 9.80 -13.75 -13.35
C ARG A 250 8.89 -13.35 -14.51
N LYS A 251 8.87 -12.06 -14.84
CA LYS A 251 7.99 -11.56 -15.91
C LYS A 251 8.31 -12.21 -17.24
N ASP A 252 9.60 -12.37 -17.56
CA ASP A 252 9.99 -13.02 -18.81
C ASP A 252 9.48 -14.45 -18.86
N CYS A 253 9.60 -15.18 -17.76
CA CYS A 253 9.11 -16.56 -17.72
C CYS A 253 7.62 -16.61 -17.98
N LEU A 254 6.86 -15.69 -17.37
CA LEU A 254 5.42 -15.66 -17.59
C LEU A 254 5.10 -15.36 -19.05
N LYS A 255 5.79 -14.38 -19.64
CA LYS A 255 5.55 -14.03 -21.04
C LYS A 255 5.85 -15.21 -21.95
N LEU A 256 6.93 -15.93 -21.69
CA LEU A 256 7.28 -17.07 -22.52
C LEU A 256 6.24 -18.17 -22.40
N MET A 257 5.73 -18.40 -21.19
CA MET A 257 4.67 -19.41 -21.01
C MET A 257 3.42 -19.04 -21.78
N LYS A 258 2.97 -17.78 -21.64
CA LYS A 258 1.79 -17.32 -22.36
C LYS A 258 1.98 -17.43 -23.87
N TYR A 259 3.17 -17.05 -24.37
CA TYR A 259 3.42 -17.11 -25.81
C TYR A 259 3.46 -18.55 -26.30
N LEU A 260 4.02 -19.46 -25.50
CA LEU A 260 4.00 -20.87 -25.85
C LEU A 260 2.57 -21.37 -26.02
N LEU A 261 1.71 -21.07 -25.04
CA LEU A 261 0.32 -21.52 -25.16
C LEU A 261 -0.38 -20.87 -26.35
N GLU A 262 -0.13 -19.59 -26.59
CA GLU A 262 -0.79 -18.92 -27.72
C GLU A 262 -0.36 -19.51 -29.05
N GLN A 263 0.94 -19.75 -29.24
CA GLN A 263 1.42 -20.36 -30.48
C GLN A 263 0.85 -21.75 -30.66
N LEU A 264 0.80 -22.55 -29.59
CA LEU A 264 0.25 -23.89 -29.71
C LEU A 264 -1.24 -23.86 -30.04
N LYS A 265 -1.97 -22.92 -29.45
CA LYS A 265 -3.40 -22.79 -29.74
C LYS A 265 -3.63 -22.38 -31.19
N GLU A 266 -2.79 -21.48 -31.71
CA GLU A 266 -2.90 -21.08 -33.12
C GLU A 266 -2.61 -22.26 -34.04
N ARG A 267 -1.51 -22.98 -33.79
CA ARG A 267 -1.10 -24.04 -34.70
C ARG A 267 -2.15 -25.13 -34.81
N PHE A 268 -2.82 -25.45 -33.70
CA PHE A 268 -3.85 -26.48 -33.67
C PHE A 268 -5.25 -25.89 -33.56
N LYS A 269 -5.46 -24.70 -34.12
CA LYS A 269 -6.77 -24.07 -34.09
C LYS A 269 -7.80 -24.85 -34.91
N ASP A 270 -7.36 -25.71 -35.83
CA ASP A 270 -8.29 -26.50 -36.62
C ASP A 270 -8.82 -27.69 -35.83
N LYS A 271 -8.05 -28.17 -34.85
CA LYS A 271 -8.54 -29.16 -33.91
C LYS A 271 -9.15 -28.46 -32.71
N LYS A 272 -9.87 -29.24 -31.90
CA LYS A 272 -10.57 -28.69 -30.74
C LYS A 272 -9.88 -28.99 -29.42
N HIS A 273 -8.72 -29.64 -29.45
CA HIS A 273 -8.10 -30.13 -28.22
C HIS A 273 -7.69 -29.00 -27.28
N LEU A 274 -7.19 -27.90 -27.83
CA LEU A 274 -6.63 -26.81 -27.04
C LEU A 274 -7.57 -25.63 -26.87
N ASP A 275 -8.86 -25.81 -27.20
CA ASP A 275 -9.78 -24.67 -27.18
C ASP A 275 -10.09 -24.20 -25.76
N LYS A 276 -9.97 -25.07 -24.76
CA LYS A 276 -10.35 -24.73 -23.40
C LYS A 276 -9.22 -24.18 -22.56
N PHE A 277 -7.98 -24.23 -23.04
CA PHE A 277 -6.85 -23.69 -22.30
C PHE A 277 -6.71 -22.20 -22.57
N SER A 278 -6.26 -21.47 -21.55
CA SER A 278 -6.18 -20.02 -21.63
C SER A 278 -4.99 -19.53 -20.82
N SER A 279 -4.70 -18.23 -20.96
CA SER A 279 -3.62 -17.61 -20.20
C SER A 279 -3.91 -17.59 -18.71
N TYR A 280 -5.17 -17.80 -18.32
CA TYR A 280 -5.47 -17.89 -16.89
C TYR A 280 -4.81 -19.11 -16.26
N HIS A 281 -4.86 -20.25 -16.95
CA HIS A 281 -4.17 -21.44 -16.45
C HIS A 281 -2.67 -21.19 -16.35
N VAL A 282 -2.10 -20.54 -17.37
CA VAL A 282 -0.67 -20.23 -17.37
C VAL A 282 -0.31 -19.34 -16.18
N LYS A 283 -1.10 -18.30 -15.95
CA LYS A 283 -0.81 -17.37 -14.87
C LYS A 283 -0.97 -18.03 -13.51
N THR A 284 -2.00 -18.86 -13.35
CA THR A 284 -2.20 -19.57 -12.09
C THR A 284 -1.02 -20.49 -11.79
N ALA A 285 -0.59 -21.27 -12.79
CA ALA A 285 0.57 -22.15 -12.60
C ALA A 285 1.82 -21.34 -12.29
N PHE A 286 1.98 -20.19 -12.96
CA PHE A 286 3.16 -19.35 -12.72
C PHE A 286 3.18 -18.84 -11.29
N PHE A 287 2.02 -18.42 -10.77
CA PHE A 287 1.96 -17.96 -9.39
C PHE A 287 2.26 -19.10 -8.41
N HIS A 288 1.79 -20.31 -8.73
CA HIS A 288 2.15 -21.45 -7.89
C HIS A 288 3.66 -21.68 -7.88
N VAL A 289 4.30 -21.54 -9.04
CA VAL A 289 5.75 -21.69 -9.12
C VAL A 289 6.45 -20.60 -8.30
N CYS A 290 5.92 -19.37 -8.34
CA CYS A 290 6.47 -18.30 -7.52
C CYS A 290 6.37 -18.65 -6.04
N THR A 291 5.25 -19.25 -5.64
CA THR A 291 5.12 -19.68 -4.25
C THR A 291 6.14 -20.75 -3.90
N GLN A 292 6.39 -21.69 -4.82
CA GLN A 292 7.35 -22.75 -4.55
C GLN A 292 8.78 -22.22 -4.50
N ASN A 293 9.07 -21.14 -5.24
CA ASN A 293 10.42 -20.59 -5.37
C ASN A 293 10.40 -19.14 -4.91
N PRO A 294 10.34 -18.90 -3.59
CA PRO A 294 10.05 -17.55 -3.09
C PRO A 294 11.23 -16.60 -3.08
N GLN A 295 12.46 -17.09 -3.23
CA GLN A 295 13.64 -16.24 -3.13
C GLN A 295 13.96 -15.63 -4.50
N ASP A 296 14.45 -14.40 -4.48
CA ASP A 296 14.80 -13.71 -5.73
C ASP A 296 15.96 -14.41 -6.44
N SER A 297 16.88 -15.02 -5.67
CA SER A 297 18.02 -15.69 -6.27
C SER A 297 17.63 -16.95 -7.03
N GLN A 298 16.43 -17.49 -6.80
CA GLN A 298 15.90 -18.58 -7.60
C GLN A 298 15.34 -18.10 -8.93
N TRP A 299 15.37 -16.79 -9.18
CA TRP A 299 14.85 -16.22 -10.41
C TRP A 299 15.88 -15.32 -11.09
N ASP A 300 17.17 -15.54 -10.81
CA ASP A 300 18.23 -14.76 -11.43
C ASP A 300 18.10 -14.77 -12.95
N ARG A 301 18.32 -13.61 -13.56
CA ARG A 301 18.11 -13.46 -14.99
C ARG A 301 19.01 -14.41 -15.78
N LYS A 302 20.25 -14.59 -15.31
CA LYS A 302 21.20 -15.50 -15.96
C LYS A 302 20.64 -16.91 -16.10
N ASP A 303 19.67 -17.29 -15.27
CA ASP A 303 19.12 -18.65 -15.26
C ASP A 303 17.78 -18.75 -15.97
N LEU A 304 17.45 -17.78 -16.84
CA LEU A 304 16.18 -17.81 -17.56
C LEU A 304 15.87 -19.21 -18.09
N GLY A 305 16.84 -19.81 -18.79
CA GLY A 305 16.65 -21.14 -19.34
C GLY A 305 16.11 -22.14 -18.33
N LEU A 306 16.77 -22.26 -17.18
CA LEU A 306 16.26 -23.17 -16.16
C LEU A 306 14.90 -22.71 -15.66
N CYS A 307 14.78 -21.41 -15.33
CA CYS A 307 13.55 -20.92 -14.71
C CYS A 307 12.36 -21.21 -15.60
N PHE A 308 12.43 -20.80 -16.87
CA PHE A 308 11.37 -21.13 -17.82
C PHE A 308 11.11 -22.62 -17.86
N ASP A 309 12.17 -23.44 -17.96
CA ASP A 309 11.99 -24.88 -17.95
C ASP A 309 11.19 -25.30 -16.73
N ASN A 310 11.58 -24.80 -15.55
CA ASN A 310 10.86 -25.12 -14.33
C ASN A 310 9.37 -24.80 -14.49
N CYS A 311 9.06 -23.59 -14.96
CA CYS A 311 7.67 -23.23 -15.21
C CYS A 311 7.00 -24.30 -16.07
N VAL A 312 7.57 -24.58 -17.24
CA VAL A 312 7.00 -25.59 -18.12
C VAL A 312 6.73 -26.86 -17.34
N THR A 313 7.74 -27.33 -16.61
CA THR A 313 7.62 -28.60 -15.88
C THR A 313 6.39 -28.58 -14.99
N TYR A 314 6.27 -27.53 -14.16
CA TYR A 314 5.15 -27.50 -13.24
C TYR A 314 3.83 -27.56 -14.00
N PHE A 315 3.71 -26.74 -15.04
CA PHE A 315 2.48 -26.76 -15.83
C PHE A 315 2.20 -28.17 -16.33
N LEU A 316 3.22 -28.83 -16.88
CA LEU A 316 3.05 -30.19 -17.37
C LEU A 316 2.59 -31.12 -16.26
N GLN A 317 3.21 -30.99 -15.08
CA GLN A 317 2.78 -31.81 -13.95
C GLN A 317 1.29 -31.60 -13.68
N CYS A 318 0.87 -30.33 -13.67
CA CYS A 318 -0.54 -30.02 -13.45
C CYS A 318 -1.41 -30.71 -14.49
N LEU A 319 -0.95 -30.76 -15.73
CA LEU A 319 -1.73 -31.43 -16.78
C LEU A 319 -1.84 -32.92 -16.50
N ARG A 320 -0.72 -33.55 -16.11
CA ARG A 320 -0.72 -35.01 -16.01
C ARG A 320 -1.57 -35.48 -14.83
N THR A 321 -1.47 -34.79 -13.70
CA THR A 321 -2.23 -35.14 -12.50
C THR A 321 -3.61 -34.50 -12.48
N GLU A 322 -3.95 -33.68 -13.48
CA GLU A 322 -5.27 -33.06 -13.59
C GLU A 322 -5.60 -32.22 -12.36
N LYS A 323 -4.64 -31.40 -11.94
CA LYS A 323 -4.79 -30.59 -10.73
C LYS A 323 -4.13 -29.24 -10.96
N LEU A 324 -4.93 -28.18 -10.92
CA LEU A 324 -4.41 -26.80 -10.96
C LEU A 324 -5.35 -25.96 -10.09
N GLU A 325 -4.98 -25.81 -8.82
CA GLU A 325 -5.78 -25.02 -7.90
C GLU A 325 -5.81 -23.56 -8.32
N ASN A 326 -7.00 -22.96 -8.32
CA ASN A 326 -7.11 -21.52 -8.44
C ASN A 326 -6.29 -20.88 -7.33
N TYR A 327 -5.43 -19.92 -7.71
CA TYR A 327 -4.49 -19.36 -6.76
C TYR A 327 -5.19 -18.66 -5.60
N PHE A 328 -6.37 -18.12 -5.83
CA PHE A 328 -7.14 -17.44 -4.79
C PHE A 328 -8.21 -18.32 -4.17
N ILE A 329 -8.71 -19.32 -4.90
CA ILE A 329 -9.77 -20.21 -4.45
C ILE A 329 -9.23 -21.63 -4.49
N PRO A 330 -8.50 -22.07 -3.47
CA PRO A 330 -7.73 -23.32 -3.61
C PRO A 330 -8.57 -24.56 -3.81
N GLU A 331 -9.84 -24.56 -3.42
CA GLU A 331 -10.69 -25.72 -3.66
C GLU A 331 -11.30 -25.73 -5.05
N PHE A 332 -11.03 -24.72 -5.88
CA PHE A 332 -11.45 -24.71 -7.27
C PHE A 332 -10.31 -25.27 -8.12
N ASN A 333 -10.59 -26.37 -8.83
CA ASN A 333 -9.59 -27.06 -9.65
C ASN A 333 -9.85 -26.67 -11.10
N LEU A 334 -8.97 -25.82 -11.65
CA LEU A 334 -9.13 -25.39 -13.04
C LEU A 334 -8.94 -26.54 -14.02
N PHE A 335 -8.20 -27.56 -13.63
CA PHE A 335 -7.93 -28.72 -14.48
C PHE A 335 -8.78 -29.92 -14.11
N SER A 336 -9.93 -29.71 -13.48
CA SER A 336 -10.83 -30.81 -13.16
C SER A 336 -11.33 -31.47 -14.44
N SER A 337 -11.59 -32.78 -14.34
CA SER A 337 -12.17 -33.49 -15.48
C SER A 337 -13.57 -32.98 -15.83
N ASN A 338 -14.22 -32.29 -14.89
CA ASN A 338 -15.50 -31.66 -15.17
C ASN A 338 -15.37 -30.43 -16.04
N LEU A 339 -14.16 -29.90 -16.23
CA LEU A 339 -13.92 -28.71 -17.04
C LEU A 339 -13.15 -29.00 -18.32
N ILE A 340 -12.10 -29.83 -18.24
CA ILE A 340 -11.29 -30.20 -19.38
C ILE A 340 -11.10 -31.71 -19.35
N ASP A 341 -11.34 -32.36 -20.48
CA ASP A 341 -11.27 -33.82 -20.48
C ASP A 341 -9.82 -34.29 -20.51
N LYS A 342 -9.63 -35.58 -20.22
CA LYS A 342 -8.28 -36.14 -20.13
C LYS A 342 -7.54 -36.02 -21.46
N ARG A 343 -8.22 -36.27 -22.57
CA ARG A 343 -7.54 -36.31 -23.87
C ARG A 343 -6.96 -34.94 -24.24
N SER A 344 -7.70 -33.87 -23.96
CA SER A 344 -7.19 -32.53 -24.26
C SER A 344 -5.90 -32.25 -23.50
N LYS A 345 -5.86 -32.61 -22.22
CA LYS A 345 -4.67 -32.39 -21.41
C LYS A 345 -3.52 -33.27 -21.86
N GLU A 346 -3.81 -34.51 -22.26
CA GLU A 346 -2.75 -35.36 -22.80
C GLU A 346 -2.20 -34.80 -24.10
N PHE A 347 -3.06 -34.25 -24.95
CA PHE A 347 -2.60 -33.65 -26.20
C PHE A 347 -1.70 -32.46 -25.95
N LEU A 348 -2.13 -31.57 -25.04
CA LEU A 348 -1.30 -30.42 -24.71
C LEU A 348 0.02 -30.84 -24.07
N THR A 349 -0.04 -31.86 -23.20
CA THR A 349 1.17 -32.41 -22.60
C THR A 349 2.16 -32.86 -23.67
N LYS A 350 1.69 -33.66 -24.62
CA LYS A 350 2.57 -34.18 -25.67
C LYS A 350 3.14 -33.05 -26.51
N GLN A 351 2.29 -32.09 -26.92
CA GLN A 351 2.80 -31.01 -27.75
C GLN A 351 3.87 -30.19 -27.03
N ILE A 352 3.65 -29.91 -25.74
CA ILE A 352 4.62 -29.11 -24.98
C ILE A 352 5.93 -29.88 -24.81
N GLU A 353 5.84 -31.17 -24.48
CA GLU A 353 7.05 -31.98 -24.34
C GLU A 353 7.81 -32.04 -25.65
N TYR A 354 7.10 -32.18 -26.77
CA TYR A 354 7.76 -32.13 -28.07
C TYR A 354 8.51 -30.81 -28.24
N GLU A 355 7.84 -29.70 -27.96
CA GLU A 355 8.48 -28.40 -28.09
C GLU A 355 9.75 -28.31 -27.27
N ARG A 356 9.67 -28.71 -25.99
CA ARG A 356 10.85 -28.58 -25.12
C ARG A 356 11.98 -29.46 -25.59
N ASN A 357 11.68 -30.68 -26.04
CA ASN A 357 12.73 -31.58 -26.51
C ASN A 357 13.43 -31.07 -27.76
N ASN A 358 12.77 -30.20 -28.53
CA ASN A 358 13.30 -29.70 -29.80
C ASN A 358 13.60 -28.21 -29.75
N GLU A 359 13.81 -27.66 -28.55
CA GLU A 359 14.16 -26.25 -28.35
C GLU A 359 13.10 -25.31 -28.92
N PHE A 360 11.83 -25.67 -28.70
CA PHE A 360 10.67 -24.82 -28.95
C PHE A 360 10.62 -24.28 -30.38
N PRO A 361 10.41 -25.14 -31.37
CA PRO A 361 10.28 -24.64 -32.75
C PRO A 361 9.05 -23.80 -33.00
N VAL A 362 8.03 -23.90 -32.13
CA VAL A 362 6.81 -23.10 -32.33
C VAL A 362 7.07 -21.63 -32.03
N PHE A 363 8.16 -21.30 -31.35
CA PHE A 363 8.48 -19.90 -31.09
C PHE A 363 8.83 -19.17 -32.38
N ASP A 364 9.53 -19.84 -33.29
CA ASP A 364 9.91 -19.27 -34.58
C ASP A 364 8.70 -18.70 -35.33
N GLY B 5 28.63 -5.01 25.93
CA GLY B 5 27.59 -4.45 26.76
C GLY B 5 26.22 -4.46 26.10
N ALA B 6 26.12 -5.15 24.96
CA ALA B 6 24.84 -5.26 24.27
C ALA B 6 23.78 -5.93 25.15
N SER B 7 24.21 -6.76 26.10
CA SER B 7 23.27 -7.40 27.01
C SER B 7 22.51 -6.38 27.83
N LYS B 8 23.17 -5.28 28.21
CA LYS B 8 22.46 -4.22 28.92
C LYS B 8 21.44 -3.54 28.02
N LEU B 9 21.78 -3.34 26.75
CA LEU B 9 20.81 -2.79 25.79
C LEU B 9 19.56 -3.65 25.73
N ARG B 10 19.76 -4.98 25.63
CA ARG B 10 18.62 -5.89 25.53
C ARG B 10 17.83 -5.93 26.84
N ALA B 11 18.52 -5.75 27.98
CA ALA B 11 17.82 -5.63 29.26
C ALA B 11 16.92 -4.40 29.28
N VAL B 12 17.46 -3.27 28.79
CA VAL B 12 16.68 -2.04 28.69
C VAL B 12 15.45 -2.26 27.82
N LEU B 13 15.63 -2.94 26.68
CA LEU B 13 14.48 -3.18 25.79
C LEU B 13 13.45 -4.07 26.45
N GLU B 14 13.91 -5.10 27.16
CA GLU B 14 12.99 -5.98 27.90
C GLU B 14 12.16 -5.18 28.89
N LYS B 15 12.80 -4.34 29.70
CA LYS B 15 12.06 -3.54 30.67
C LYS B 15 11.10 -2.59 29.97
N LEU B 16 11.51 -2.02 28.83
CA LEU B 16 10.63 -1.11 28.09
C LEU B 16 9.41 -1.85 27.55
N LYS B 17 9.55 -3.12 27.21
CA LYS B 17 8.39 -3.89 26.76
C LYS B 17 7.38 -4.08 27.89
N LEU B 18 7.83 -4.63 29.02
CA LEU B 18 6.98 -5.01 30.15
C LEU B 18 5.98 -3.96 30.59
N ASP B 22 -0.85 -3.29 29.98
CA ASP B 22 -1.62 -2.14 30.45
C ASP B 22 -2.14 -1.28 29.30
N ILE B 23 -1.46 -1.35 28.17
CA ILE B 23 -1.81 -0.57 26.99
C ILE B 23 -2.69 -1.41 26.05
N THR B 25 -5.63 -1.79 27.82
CA THR B 25 -6.69 -1.39 28.73
C THR B 25 -6.82 0.13 28.79
N ALA B 26 -5.70 0.81 29.05
CA ALA B 26 -5.68 2.28 29.08
C ALA B 26 -6.28 2.85 27.80
N ALA B 27 -5.85 2.33 26.65
CA ALA B 27 -6.36 2.80 25.36
C ALA B 27 -7.88 2.77 25.33
N GLY B 28 -8.48 1.76 25.95
CA GLY B 28 -9.92 1.65 26.06
C GLY B 28 -10.53 2.96 26.50
N MET B 29 -10.12 3.40 27.69
CA MET B 29 -10.53 4.69 28.22
C MET B 29 -10.33 5.80 27.19
N VAL B 30 -9.11 5.87 26.62
CA VAL B 30 -8.82 6.86 25.57
C VAL B 30 -9.88 6.79 24.48
N LYS B 31 -10.07 5.59 23.92
CA LYS B 31 -11.04 5.41 22.85
C LYS B 31 -12.39 5.97 23.25
N GLY B 32 -12.83 5.65 24.47
CA GLY B 32 -14.15 6.09 24.92
C GLY B 32 -14.31 7.59 24.80
N VAL B 33 -13.30 8.34 25.20
CA VAL B 33 -13.35 9.79 25.04
C VAL B 33 -13.31 10.15 23.56
N VAL B 34 -12.34 9.59 22.85
CA VAL B 34 -12.09 10.01 21.46
C VAL B 34 -13.35 9.92 20.62
N ASP B 35 -13.92 8.71 20.51
CA ASP B 35 -15.19 8.50 19.81
C ASP B 35 -16.17 9.60 20.14
N HIS B 36 -16.43 9.81 21.44
CA HIS B 36 -17.45 10.78 21.81
C HIS B 36 -17.12 12.14 21.23
N LEU B 37 -15.90 12.60 21.43
CA LEU B 37 -15.48 13.87 20.82
C LEU B 37 -15.78 13.87 19.33
N LEU B 38 -15.37 12.81 18.64
CA LEU B 38 -15.59 12.75 17.19
C LEU B 38 -17.07 12.81 16.86
N LEU B 39 -17.91 12.14 17.66
CA LEU B 39 -19.35 12.26 17.44
C LEU B 39 -19.78 13.72 17.51
N ARG B 40 -19.42 14.41 18.60
CA ARG B 40 -19.88 15.79 18.78
C ARG B 40 -19.38 16.68 17.66
N LEU B 41 -18.07 16.59 17.37
CA LEU B 41 -17.49 17.41 16.31
C LEU B 41 -18.18 17.16 14.97
N LYS B 42 -18.63 15.92 14.73
CA LYS B 42 -19.25 15.63 13.44
C LYS B 42 -20.60 16.28 13.29
N CYS B 43 -21.21 16.76 14.38
CA CYS B 43 -22.47 17.48 14.28
C CYS B 43 -22.28 18.89 13.75
N ASP B 44 -21.07 19.41 13.75
CA ASP B 44 -20.78 20.75 13.27
C ASP B 44 -20.49 20.73 11.77
N SER B 45 -20.92 21.77 11.07
CA SER B 45 -20.68 21.85 9.63
C SER B 45 -19.19 22.03 9.33
N ALA B 46 -18.50 22.83 10.15
CA ALA B 46 -17.08 23.09 9.91
C ALA B 46 -16.23 21.84 10.06
N PHE B 47 -16.61 20.95 10.96
CA PHE B 47 -15.84 19.74 11.26
C PHE B 47 -16.59 18.47 10.84
N ARG B 48 -17.42 18.57 9.80
CA ARG B 48 -18.31 17.48 9.44
C ARG B 48 -17.54 16.20 9.10
N GLY B 49 -16.40 16.33 8.42
CA GLY B 49 -15.66 15.17 7.98
C GLY B 49 -14.48 14.81 8.86
N VAL B 50 -14.54 15.18 10.14
CA VAL B 50 -13.42 14.92 11.04
C VAL B 50 -13.32 13.43 11.31
N GLY B 51 -12.09 12.95 11.49
CA GLY B 51 -11.86 11.56 11.80
C GLY B 51 -10.44 11.34 12.27
N LEU B 52 -10.15 10.07 12.53
CA LEU B 52 -8.83 9.64 12.95
C LEU B 52 -8.01 9.31 11.72
N LEU B 53 -6.76 9.78 11.70
CA LEU B 53 -5.84 9.46 10.62
C LEU B 53 -5.86 7.97 10.29
N ASN B 54 -5.75 7.11 11.30
CA ASN B 54 -5.84 5.66 11.16
C ASN B 54 -5.01 5.14 9.97
N SER B 57 -5.83 2.77 14.13
CA SER B 57 -4.96 3.22 15.25
C SER B 57 -5.47 4.57 15.79
N TYR B 58 -6.07 4.54 16.98
CA TYR B 58 -6.55 5.79 17.60
C TYR B 58 -5.40 6.46 18.30
N TYR B 59 -4.54 5.67 18.93
CA TYR B 59 -3.52 6.29 19.80
C TYR B 59 -2.09 5.93 19.52
N GLU B 60 -1.21 6.90 19.69
CA GLU B 60 0.23 6.76 19.61
C GLU B 60 0.87 7.25 20.90
N HIS B 61 2.18 7.06 21.01
CA HIS B 61 2.96 7.47 22.18
C HIS B 61 4.21 8.17 21.72
N VAL B 62 4.34 9.47 22.03
CA VAL B 62 5.54 10.20 21.67
C VAL B 62 6.70 9.84 22.59
N LYS B 63 6.44 9.29 23.77
CA LYS B 63 7.47 8.94 24.74
C LYS B 63 7.36 7.47 25.08
N ILE B 64 8.44 6.71 24.85
CA ILE B 64 8.42 5.27 25.07
C ILE B 64 8.24 4.93 26.54
N SER B 65 8.54 5.87 27.42
CA SER B 65 8.53 5.62 28.86
C SER B 65 7.36 6.29 29.56
N ALA B 66 6.33 6.70 28.80
CA ALA B 66 5.11 7.29 29.36
C ALA B 66 3.92 6.56 28.75
N PRO B 67 3.70 5.30 29.14
CA PRO B 67 2.62 4.52 28.53
C PRO B 67 1.23 5.10 28.74
N ASN B 68 1.06 5.97 29.73
CA ASN B 68 -0.22 6.60 30.01
C ASN B 68 -0.35 7.98 29.36
N GLU B 69 0.57 8.33 28.47
CA GLU B 69 0.54 9.61 27.77
C GLU B 69 0.33 9.32 26.29
N PHE B 70 -0.88 9.55 25.80
CA PHE B 70 -1.29 9.20 24.46
C PHE B 70 -1.28 10.42 23.54
N ASP B 71 -1.28 10.16 22.24
CA ASP B 71 -1.21 11.21 21.23
C ASP B 71 -2.14 10.85 20.08
N VAL B 72 -3.09 11.73 19.80
CA VAL B 72 -4.16 11.48 18.83
C VAL B 72 -4.20 12.62 17.83
N MET B 73 -4.42 12.29 16.56
CA MET B 73 -4.58 13.30 15.50
C MET B 73 -5.98 13.17 14.91
N PHE B 74 -6.74 14.27 14.98
CA PHE B 74 -8.02 14.37 14.29
C PHE B 74 -7.77 15.05 12.94
N LYS B 75 -8.07 14.34 11.86
CA LYS B 75 -7.87 14.89 10.52
C LYS B 75 -9.18 15.42 9.95
N LEU B 76 -9.05 16.36 9.01
CA LEU B 76 -10.21 16.93 8.33
C LEU B 76 -9.80 17.30 6.91
N GLU B 77 -10.45 16.71 5.92
CA GLU B 77 -10.06 16.94 4.54
C GLU B 77 -10.42 18.35 4.10
N VAL B 78 -9.49 19.00 3.42
CA VAL B 78 -9.72 20.28 2.77
C VAL B 78 -9.55 20.08 1.25
N PRO B 79 -10.64 19.87 0.50
CA PRO B 79 -10.49 19.70 -0.94
C PRO B 79 -10.15 21.04 -1.60
N ARG B 80 -9.44 20.94 -2.72
CA ARG B 80 -9.09 22.08 -3.54
C ARG B 80 -8.37 23.16 -2.72
N ILE B 81 -7.39 22.71 -1.95
CA ILE B 81 -6.62 23.60 -1.08
C ILE B 81 -5.64 24.39 -1.94
N GLN B 82 -5.27 25.59 -1.50
CA GLN B 82 -4.24 26.39 -2.16
C GLN B 82 -3.26 26.86 -1.10
N LEU B 83 -2.03 26.35 -1.17
CA LEU B 83 -1.02 26.72 -0.20
C LEU B 83 -0.18 27.89 -0.72
N GLU B 84 0.23 28.75 0.20
CA GLU B 84 1.26 29.74 -0.11
C GLU B 84 2.33 29.70 0.97
N GLU B 85 3.57 29.46 0.57
CA GLU B 85 4.65 29.27 1.52
C GLU B 85 5.00 30.57 2.22
N TYR B 86 5.15 30.48 3.54
CA TYR B 86 5.52 31.64 4.38
C TYR B 86 6.99 31.90 4.20
N SER B 87 7.34 33.15 3.91
CA SER B 87 8.75 33.48 3.62
C SER B 87 9.30 32.34 2.75
N ASN B 88 10.42 31.77 3.12
CA ASN B 88 10.90 30.60 2.35
C ASN B 88 11.14 29.49 3.38
N THR B 89 10.17 29.28 4.25
CA THR B 89 10.36 28.34 5.37
C THR B 89 10.33 26.91 4.86
N ARG B 90 9.74 26.66 3.68
CA ARG B 90 9.61 25.36 3.06
C ARG B 90 8.75 24.39 3.87
N ALA B 91 8.50 24.69 5.15
CA ALA B 91 7.68 23.85 5.99
C ALA B 91 6.39 24.51 6.45
N TYR B 92 6.33 25.84 6.49
CA TYR B 92 5.18 26.58 6.98
C TYR B 92 4.45 27.24 5.83
N TYR B 93 3.11 27.21 5.88
CA TYR B 93 2.28 27.69 4.78
C TYR B 93 1.05 28.40 5.31
N PHE B 94 0.53 29.33 4.51
CA PHE B 94 -0.82 29.84 4.65
C PHE B 94 -1.75 28.98 3.82
N VAL B 95 -2.94 28.70 4.37
CA VAL B 95 -3.96 27.91 3.71
C VAL B 95 -4.99 28.86 3.12
N LYS B 96 -5.15 28.82 1.81
CA LYS B 96 -6.19 29.50 1.06
C LYS B 96 -7.02 28.43 0.35
N PHE B 97 -8.05 28.87 -0.38
CA PHE B 97 -8.99 27.94 -0.98
C PHE B 97 -9.18 28.24 -2.46
N LYS B 98 -9.40 27.18 -3.24
CA LYS B 98 -9.65 27.31 -4.66
C LYS B 98 -11.12 27.58 -4.90
N ASN B 104 -18.03 26.35 1.02
CA ASN B 104 -16.84 26.16 1.84
C ASN B 104 -17.26 26.18 3.31
N PRO B 105 -17.25 25.01 3.94
CA PRO B 105 -17.65 24.93 5.35
C PRO B 105 -16.67 25.60 6.30
N LEU B 106 -15.44 25.87 5.85
CA LEU B 106 -14.44 26.56 6.66
C LEU B 106 -14.47 28.07 6.46
N SER B 107 -15.44 28.60 5.70
CA SER B 107 -15.49 30.02 5.41
C SER B 107 -15.75 30.86 6.65
N GLN B 108 -16.27 30.26 7.72
CA GLN B 108 -16.48 30.98 8.97
C GLN B 108 -15.18 31.29 9.70
N PHE B 109 -14.09 30.60 9.39
CA PHE B 109 -12.78 30.85 9.97
C PHE B 109 -11.89 31.69 9.06
N LEU B 110 -12.40 32.17 7.94
CA LEU B 110 -11.58 32.87 6.96
C LEU B 110 -11.30 34.30 7.41
N GLU B 111 -10.01 34.66 7.50
CA GLU B 111 -9.57 36.04 7.71
C GLU B 111 -9.06 36.54 6.37
N GLY B 112 -9.93 37.24 5.63
CA GLY B 112 -9.63 37.60 4.25
C GLY B 112 -9.68 36.40 3.34
N GLU B 113 -8.53 36.03 2.79
CA GLU B 113 -8.44 34.88 1.88
C GLU B 113 -7.67 33.72 2.49
N ILE B 114 -7.33 33.83 3.77
CA ILE B 114 -6.46 32.89 4.46
C ILE B 114 -7.23 32.24 5.61
N LEU B 115 -7.07 30.93 5.76
CA LEU B 115 -7.73 30.21 6.85
C LEU B 115 -7.04 30.54 8.17
N SER B 116 -7.82 31.00 9.15
CA SER B 116 -7.26 31.39 10.45
C SER B 116 -7.08 30.16 11.32
N ALA B 117 -5.84 29.85 11.66
CA ALA B 117 -5.58 28.78 12.62
C ALA B 117 -6.19 29.13 13.98
N SER B 118 -6.17 30.41 14.35
CA SER B 118 -6.68 30.82 15.65
C SER B 118 -8.18 30.56 15.78
N LYS B 119 -8.97 30.98 14.78
CA LYS B 119 -10.42 30.82 14.87
C LYS B 119 -10.82 29.35 14.80
N MET B 120 -10.22 28.61 13.86
CA MET B 120 -10.52 27.18 13.75
C MET B 120 -10.17 26.45 15.04
N LEU B 121 -9.01 26.75 15.61
CA LEU B 121 -8.63 26.12 16.87
C LEU B 121 -9.57 26.52 18.00
N SER B 122 -9.94 27.80 18.07
CA SER B 122 -10.84 28.26 19.11
C SER B 122 -12.14 27.47 19.09
N LYS B 123 -12.72 27.30 17.90
CA LYS B 123 -13.95 26.52 17.80
C LYS B 123 -13.71 25.05 18.15
N PHE B 124 -12.61 24.48 17.64
CA PHE B 124 -12.26 23.10 17.94
C PHE B 124 -12.24 22.84 19.45
N ARG B 125 -11.48 23.65 20.20
CA ARG B 125 -11.40 23.47 21.64
C ARG B 125 -12.71 23.82 22.34
N LYS B 126 -13.48 24.78 21.84
CA LYS B 126 -14.76 25.08 22.46
C LYS B 126 -15.68 23.88 22.43
N ILE B 127 -15.82 23.27 21.25
CA ILE B 127 -16.64 22.07 21.11
C ILE B 127 -16.13 20.97 22.01
N ILE B 128 -14.81 20.73 22.01
CA ILE B 128 -14.25 19.67 22.83
C ILE B 128 -14.52 19.94 24.30
N LYS B 129 -14.35 21.19 24.75
CA LYS B 129 -14.55 21.50 26.16
C LYS B 129 -15.99 21.26 26.57
N GLU B 130 -16.95 21.67 25.74
CA GLU B 130 -18.35 21.43 26.09
C GLU B 130 -18.67 19.95 26.13
N GLU B 131 -18.05 19.16 25.26
CA GLU B 131 -18.30 17.71 25.29
C GLU B 131 -17.63 17.06 26.49
N ILE B 132 -16.41 17.50 26.82
CA ILE B 132 -15.65 16.96 27.95
C ILE B 132 -16.41 17.14 29.26
N ASN B 133 -17.20 18.21 29.37
CA ASN B 133 -17.90 18.51 30.61
C ASN B 133 -19.00 17.51 30.93
N ASP B 134 -19.47 16.75 29.95
CA ASP B 134 -20.48 15.73 30.19
C ASP B 134 -19.81 14.39 30.45
N VAL B 140 -13.12 13.68 33.17
CA VAL B 140 -12.08 14.23 32.31
C VAL B 140 -11.92 15.72 32.60
N ILE B 141 -10.70 16.22 32.34
CA ILE B 141 -10.40 17.62 32.59
C ILE B 141 -9.46 18.13 31.50
N MET B 142 -9.55 19.43 31.21
CA MET B 142 -8.83 20.03 30.11
C MET B 142 -7.71 20.93 30.64
N LYS B 143 -6.53 20.82 30.03
CA LYS B 143 -5.41 21.71 30.32
C LYS B 143 -5.24 22.70 29.17
N ARG B 144 -4.79 23.90 29.51
CA ARG B 144 -4.51 24.93 28.51
C ARG B 144 -3.05 24.83 28.09
N GLY B 148 -0.76 25.44 20.03
CA GLY B 148 -1.29 25.33 18.66
C GLY B 148 -1.36 23.89 18.16
N SER B 149 -0.21 23.23 18.03
CA SER B 149 -0.18 21.88 17.41
C SER B 149 -0.88 20.89 18.35
N PRO B 150 -0.43 20.62 19.59
CA PRO B 150 -1.22 19.76 20.47
C PRO B 150 -2.30 20.73 20.89
N ALA B 151 -3.26 20.98 20.01
CA ALA B 151 -4.36 21.91 20.27
C ALA B 151 -4.94 21.75 21.68
N VAL B 152 -5.19 20.51 22.08
CA VAL B 152 -5.85 20.34 23.41
C VAL B 152 -5.23 19.17 24.16
N THR B 153 -5.10 19.33 25.47
CA THR B 153 -4.60 18.24 26.31
C THR B 153 -5.71 17.87 27.30
N LEU B 154 -6.12 16.61 27.28
CA LEU B 154 -7.14 16.10 28.18
C LEU B 154 -6.51 15.12 29.15
N LEU B 155 -6.89 15.27 30.42
CA LEU B 155 -6.41 14.36 31.49
C LEU B 155 -7.57 13.47 31.93
N ILE B 156 -7.54 12.20 31.54
CA ILE B 156 -8.63 11.24 31.88
C ILE B 156 -8.34 10.71 33.29
N SER B 157 -9.37 10.63 34.13
CA SER B 157 -9.18 10.17 35.52
C SER B 157 -8.02 10.97 36.15
N GLU B 158 -7.03 10.26 36.69
CA GLU B 158 -5.87 10.93 37.32
C GLU B 158 -4.75 11.12 36.28
N ILE B 160 -4.25 9.24 33.06
CA ILE B 160 -4.13 9.02 31.59
C ILE B 160 -4.27 10.38 30.89
N SER B 161 -3.29 10.74 30.06
CA SER B 161 -3.31 12.03 29.33
C SER B 161 -3.45 11.79 27.81
N VAL B 162 -4.13 12.71 27.12
CA VAL B 162 -4.36 12.58 25.68
C VAL B 162 -4.11 13.95 25.04
N ASP B 163 -3.09 14.03 24.19
CA ASP B 163 -2.83 15.22 23.40
C ASP B 163 -3.51 15.06 22.04
N ILE B 164 -4.45 15.96 21.73
CA ILE B 164 -5.20 15.90 20.48
C ILE B 164 -4.70 17.00 19.56
N THR B 165 -4.42 16.62 18.31
CA THR B 165 -3.90 17.53 17.30
C THR B 165 -4.92 17.62 16.17
N LEU B 166 -5.22 18.84 15.74
CA LEU B 166 -6.04 19.06 14.57
C LEU B 166 -5.16 19.15 13.34
N ALA B 167 -5.56 18.48 12.26
CA ALA B 167 -4.78 18.49 11.03
C ALA B 167 -5.71 18.53 9.83
N LEU B 168 -5.36 19.38 8.86
CA LEU B 168 -6.01 19.37 7.57
C LEU B 168 -5.41 18.29 6.69
N GLU B 169 -6.26 17.59 5.94
CA GLU B 169 -5.85 16.55 5.02
C GLU B 169 -5.98 17.05 3.59
N SER B 170 -4.90 16.95 2.81
CA SER B 170 -4.95 17.27 1.40
C SER B 170 -4.52 16.07 0.59
N LYS B 171 -5.36 15.69 -0.38
CA LYS B 171 -5.06 14.60 -1.31
C LYS B 171 -4.46 15.11 -2.60
N SER B 172 -4.08 16.38 -2.66
CA SER B 172 -3.37 16.92 -3.82
C SER B 172 -1.91 16.50 -3.78
N SER B 173 -1.15 16.91 -4.79
CA SER B 173 0.27 16.58 -4.84
C SER B 173 1.00 17.18 -3.65
N TRP B 174 2.05 16.50 -3.20
CA TRP B 174 2.88 17.01 -2.12
C TRP B 174 3.55 18.31 -2.55
N PRO B 175 3.72 19.26 -1.63
CA PRO B 175 4.35 20.54 -2.00
C PRO B 175 5.73 20.36 -2.60
N ALA B 176 6.14 21.37 -3.36
CA ALA B 176 7.41 21.30 -4.09
C ALA B 176 8.61 21.23 -3.17
N SER B 177 8.48 21.67 -1.91
CA SER B 177 9.58 21.61 -0.97
C SER B 177 9.93 20.18 -0.56
N THR B 178 9.08 19.22 -0.88
CA THR B 178 9.33 17.81 -0.55
C THR B 178 9.88 17.01 -1.71
N GLN B 179 10.18 17.65 -2.84
CA GLN B 179 10.45 16.92 -4.07
C GLN B 179 11.70 16.05 -3.97
N GLU B 180 12.69 16.45 -3.18
CA GLU B 180 13.91 15.69 -3.02
C GLU B 180 14.05 15.08 -1.63
N GLY B 181 12.96 15.06 -0.86
CA GLY B 181 12.94 14.35 0.40
C GLY B 181 12.48 12.92 0.24
N LEU B 182 12.43 12.21 1.36
CA LEU B 182 11.99 10.81 1.40
C LEU B 182 12.82 9.96 0.42
N ARG B 183 14.15 10.06 0.56
CA ARG B 183 15.07 9.39 -0.35
C ARG B 183 15.26 7.95 0.11
N ILE B 184 14.20 7.16 -0.08
CA ILE B 184 14.17 5.76 0.32
C ILE B 184 14.40 4.83 -0.87
N GLN B 185 14.80 5.37 -2.02
CA GLN B 185 14.82 4.58 -3.25
C GLN B 185 15.74 3.37 -3.14
N ASN B 186 16.93 3.57 -2.57
CA ASN B 186 17.87 2.47 -2.45
C ASN B 186 17.57 1.56 -1.26
N TRP B 187 16.61 1.94 -0.42
CA TRP B 187 16.28 1.20 0.79
C TRP B 187 14.93 0.50 0.65
N LEU B 188 13.85 1.26 0.52
CA LEU B 188 12.51 0.70 0.42
C LEU B 188 12.01 0.60 -1.02
N SER B 189 12.76 1.14 -1.98
CA SER B 189 12.55 1.10 -3.44
C SER B 189 11.86 2.36 -3.96
N ALA B 190 12.03 2.63 -5.25
CA ALA B 190 11.40 3.78 -5.87
C ALA B 190 9.91 3.59 -6.07
N LYS B 191 9.47 2.35 -6.33
CA LYS B 191 8.04 2.07 -6.42
C LYS B 191 7.34 2.41 -5.12
N VAL B 192 7.96 2.07 -3.99
CA VAL B 192 7.38 2.38 -2.69
C VAL B 192 7.34 3.89 -2.47
N ARG B 193 8.39 4.61 -2.86
CA ARG B 193 8.37 6.06 -2.69
C ARG B 193 7.28 6.70 -3.53
N LYS B 194 7.08 6.21 -4.77
CA LYS B 194 6.00 6.75 -5.59
C LYS B 194 4.64 6.46 -4.95
N GLN B 195 4.45 5.25 -4.41
CA GLN B 195 3.18 4.94 -3.77
C GLN B 195 2.94 5.79 -2.53
N LEU B 196 4.00 6.03 -1.75
CA LEU B 196 3.87 6.86 -0.55
C LEU B 196 3.53 8.29 -0.92
N ARG B 197 4.14 8.81 -1.98
CA ARG B 197 3.87 10.19 -2.38
C ARG B 197 2.47 10.35 -2.98
N LEU B 198 1.80 9.25 -3.35
CA LEU B 198 0.41 9.32 -3.80
C LEU B 198 -0.56 9.41 -2.64
N LYS B 199 -0.09 9.21 -1.41
CA LYS B 199 -0.92 9.36 -0.23
C LYS B 199 -1.11 10.83 0.11
N PRO B 200 -2.13 11.16 0.91
CA PRO B 200 -2.33 12.57 1.29
C PRO B 200 -1.22 13.05 2.21
N PHE B 201 -1.17 14.37 2.37
CA PHE B 201 -0.28 15.01 3.33
C PHE B 201 -1.10 15.85 4.29
N TYR B 202 -0.51 16.22 5.44
CA TYR B 202 -1.31 16.88 6.45
C TYR B 202 -0.70 18.23 6.83
N LEU B 203 -1.55 19.12 7.35
CA LEU B 203 -1.13 20.46 7.75
C LEU B 203 -1.64 20.71 9.15
N VAL B 204 -0.73 21.00 10.08
CA VAL B 204 -1.06 21.18 11.49
C VAL B 204 -0.86 22.65 11.83
N PRO B 205 -1.79 23.28 12.55
CA PRO B 205 -1.60 24.70 12.87
C PRO B 205 -0.40 24.90 13.79
N LYS B 206 0.50 25.81 13.42
CA LYS B 206 1.75 25.99 14.15
C LYS B 206 2.31 27.37 13.86
N HIS B 207 2.75 28.07 14.89
CA HIS B 207 3.30 29.40 14.67
C HIS B 207 4.77 29.33 14.29
N ALA B 208 5.19 30.30 13.48
CA ALA B 208 6.54 30.39 12.94
C ALA B 208 7.18 31.69 13.41
N LYS B 209 8.50 31.64 13.56
CA LYS B 209 9.25 32.80 14.01
C LYS B 209 9.68 33.67 12.84
N GLN B 215 4.70 34.97 13.40
CA GLN B 215 3.55 34.80 12.51
C GLN B 215 2.69 33.66 13.05
N GLU B 216 1.41 33.96 13.28
CA GLU B 216 0.56 33.10 14.10
C GLU B 216 -0.64 32.53 13.33
N GLU B 217 -0.62 32.57 12.00
CA GLU B 217 -1.71 31.99 11.22
C GLU B 217 -1.16 31.06 10.14
N THR B 218 -0.07 30.36 10.45
CA THR B 218 0.54 29.44 9.51
C THR B 218 0.23 27.99 9.89
N TRP B 219 0.40 27.10 8.92
CA TRP B 219 0.24 25.67 9.10
C TRP B 219 1.52 24.99 8.65
N ARG B 220 1.91 23.92 9.34
CA ARG B 220 3.17 23.22 9.09
C ARG B 220 2.89 21.83 8.55
N LEU B 221 3.72 21.40 7.60
CA LEU B 221 3.56 20.10 6.97
C LEU B 221 3.78 18.96 7.95
N SER B 222 2.96 17.93 7.85
CA SER B 222 3.04 16.75 8.69
C SER B 222 2.96 15.51 7.82
N PHE B 223 3.89 14.59 8.07
CA PHE B 223 4.04 13.32 7.37
C PHE B 223 4.16 12.15 8.34
N SER B 224 3.65 12.31 9.56
CA SER B 224 3.84 11.28 10.59
C SER B 224 3.22 9.95 10.19
N HIS B 225 2.19 9.97 9.33
CA HIS B 225 1.65 8.72 8.81
C HIS B 225 2.69 7.98 7.98
N ILE B 226 3.42 8.71 7.13
CA ILE B 226 4.48 8.09 6.34
C ILE B 226 5.57 7.54 7.25
N GLU B 227 5.88 8.26 8.33
CA GLU B 227 6.89 7.79 9.28
C GLU B 227 6.48 6.46 9.89
N LYS B 228 5.23 6.38 10.36
CA LYS B 228 4.71 5.13 10.93
C LYS B 228 4.80 4.00 9.92
N GLU B 229 4.40 4.26 8.69
CA GLU B 229 4.41 3.21 7.64
C GLU B 229 5.85 2.72 7.41
N ILE B 230 6.82 3.63 7.33
CA ILE B 230 8.20 3.16 7.03
C ILE B 230 8.77 2.40 8.24
N LEU B 231 8.33 2.73 9.45
CA LEU B 231 8.88 2.07 10.66
C LEU B 231 8.29 0.66 10.79
N ASN B 232 7.02 0.50 10.44
CA ASN B 232 6.38 -0.81 10.57
C ASN B 232 6.44 -1.63 9.29
N ASN B 233 7.12 -1.14 8.25
CA ASN B 233 7.40 -1.85 7.00
C ASN B 233 8.77 -1.34 6.56
N HIS B 234 9.81 -1.86 7.22
CA HIS B 234 11.07 -1.15 7.36
C HIS B 234 12.27 -1.80 6.69
N GLY B 235 12.12 -2.97 6.10
CA GLY B 235 13.25 -3.67 5.52
C GLY B 235 13.30 -3.57 4.01
N LYS B 236 14.48 -3.85 3.46
CA LYS B 236 14.58 -4.05 2.01
C LYS B 236 13.80 -5.29 1.59
N SER B 237 13.90 -6.35 2.38
CA SER B 237 13.10 -7.54 2.17
C SER B 237 11.70 -7.35 2.73
N LYS B 238 10.70 -7.80 1.97
CA LYS B 238 9.31 -7.69 2.44
C LYS B 238 9.03 -8.58 3.64
N THR B 239 9.81 -9.65 3.82
CA THR B 239 9.66 -10.53 4.98
C THR B 239 10.65 -10.20 6.09
N CYS B 240 11.17 -8.97 6.11
CA CYS B 240 12.02 -8.56 7.22
C CYS B 240 11.26 -8.69 8.53
N CYS B 241 11.87 -9.40 9.48
CA CYS B 241 11.38 -9.59 10.85
C CYS B 241 10.16 -10.51 10.92
N GLU B 242 9.84 -11.24 9.85
CA GLU B 242 8.76 -12.21 9.89
C GLU B 242 9.25 -13.64 10.06
N ASN B 243 10.56 -13.85 10.17
CA ASN B 243 11.12 -15.16 10.44
C ASN B 243 12.46 -14.98 11.12
N LYS B 244 13.01 -16.10 11.61
CA LYS B 244 14.24 -16.04 12.40
C LYS B 244 15.43 -15.64 11.55
N GLU B 245 15.48 -16.05 10.28
CA GLU B 245 16.62 -15.71 9.44
C GLU B 245 16.68 -14.22 9.12
N GLU B 246 15.58 -13.49 9.27
CA GLU B 246 15.49 -12.11 8.83
C GLU B 246 15.11 -11.15 9.95
N LYS B 247 15.56 -11.40 11.17
CA LYS B 247 15.31 -10.47 12.26
C LYS B 247 16.38 -9.37 12.24
N CYS B 248 15.94 -8.12 12.16
CA CYS B 248 16.81 -6.96 12.20
C CYS B 248 16.54 -6.16 13.47
N CYS B 249 17.41 -5.19 13.73
CA CYS B 249 17.36 -4.43 14.97
C CYS B 249 17.04 -2.96 14.75
N ARG B 250 16.31 -2.63 13.68
CA ARG B 250 16.01 -1.24 13.38
C ARG B 250 15.13 -0.62 14.47
N LYS B 251 13.99 -1.24 14.74
CA LYS B 251 13.04 -0.69 15.71
C LYS B 251 13.65 -0.60 17.11
N ASP B 252 14.50 -1.57 17.48
CA ASP B 252 15.14 -1.53 18.78
C ASP B 252 16.13 -0.38 18.87
N CYS B 253 16.88 -0.11 17.79
CA CYS B 253 17.78 1.04 17.81
C CYS B 253 17.01 2.34 17.95
N LEU B 254 15.87 2.46 17.27
CA LEU B 254 15.06 3.66 17.42
C LEU B 254 14.54 3.80 18.85
N LYS B 255 14.03 2.70 19.42
CA LYS B 255 13.56 2.74 20.80
C LYS B 255 14.66 3.17 21.76
N LEU B 256 15.87 2.65 21.56
CA LEU B 256 16.96 2.98 22.46
C LEU B 256 17.35 4.44 22.34
N MET B 257 17.40 4.97 21.12
CA MET B 257 17.69 6.39 20.93
C MET B 257 16.63 7.27 21.62
N LYS B 258 15.35 6.92 21.43
CA LYS B 258 14.29 7.72 22.05
C LYS B 258 14.34 7.63 23.57
N TYR B 259 14.63 6.45 24.12
CA TYR B 259 14.76 6.31 25.57
C TYR B 259 15.94 7.11 26.09
N LEU B 260 17.05 7.11 25.36
CA LEU B 260 18.20 7.91 25.74
C LEU B 260 17.82 9.38 25.86
N LEU B 261 17.15 9.90 24.84
CA LEU B 261 16.76 11.31 24.87
C LEU B 261 15.77 11.59 25.99
N GLU B 262 14.77 10.71 26.17
CA GLU B 262 13.77 10.93 27.22
C GLU B 262 14.42 10.96 28.60
N GLN B 263 15.33 10.02 28.86
CA GLN B 263 16.00 9.98 30.16
C GLN B 263 16.89 11.19 30.38
N LEU B 264 17.62 11.62 29.34
CA LEU B 264 18.46 12.79 29.51
C LEU B 264 17.64 14.06 29.74
N LYS B 265 16.51 14.19 29.02
CA LYS B 265 15.65 15.35 29.25
C LYS B 265 15.03 15.31 30.64
N GLU B 266 14.74 14.11 31.15
CA GLU B 266 14.21 14.00 32.51
C GLU B 266 15.26 14.38 33.56
N ARG B 267 16.48 13.86 33.40
CA ARG B 267 17.51 14.11 34.41
C ARG B 267 17.85 15.59 34.52
N PHE B 268 17.76 16.34 33.42
CA PHE B 268 18.12 17.75 33.38
C PHE B 268 16.91 18.65 33.17
N LYS B 269 15.72 18.22 33.60
CA LYS B 269 14.52 18.97 33.30
C LYS B 269 14.43 20.28 34.10
N ASP B 270 15.19 20.42 35.18
CA ASP B 270 15.19 21.65 35.96
C ASP B 270 16.10 22.71 35.36
N LYS B 271 16.93 22.34 34.38
CA LYS B 271 17.59 23.30 33.50
C LYS B 271 16.82 23.34 32.19
N LYS B 272 17.10 24.36 31.38
CA LYS B 272 16.41 24.53 30.11
C LYS B 272 17.24 24.04 28.93
N HIS B 273 18.39 23.41 29.18
CA HIS B 273 19.32 23.09 28.11
C HIS B 273 18.74 22.11 27.09
N LEU B 274 17.89 21.19 27.54
CA LEU B 274 17.40 20.11 26.69
C LEU B 274 15.93 20.24 26.33
N ASP B 275 15.31 21.40 26.61
CA ASP B 275 13.88 21.54 26.41
C ASP B 275 13.47 21.51 24.94
N LYS B 276 14.38 21.85 24.02
CA LYS B 276 14.02 21.99 22.61
C LYS B 276 14.25 20.71 21.81
N PHE B 277 14.88 19.70 22.39
CA PHE B 277 15.10 18.44 21.70
C PHE B 277 13.88 17.53 21.88
N SER B 278 13.54 16.80 20.82
CA SER B 278 12.33 16.00 20.81
C SER B 278 12.62 14.65 20.13
N SER B 279 11.68 13.73 20.32
CA SER B 279 11.74 12.45 19.62
C SER B 279 11.66 12.62 18.11
N TYR B 280 11.19 13.77 17.63
CA TYR B 280 11.22 14.03 16.20
C TYR B 280 12.64 14.13 15.68
N HIS B 281 13.53 14.76 16.43
CA HIS B 281 14.94 14.82 16.04
C HIS B 281 15.54 13.42 16.01
N VAL B 282 15.27 12.63 17.04
CA VAL B 282 15.75 11.25 17.10
C VAL B 282 15.26 10.47 15.89
N LYS B 283 13.96 10.59 15.58
CA LYS B 283 13.38 9.84 14.48
C LYS B 283 13.96 10.26 13.13
N THR B 284 14.13 11.57 12.93
CA THR B 284 14.72 12.08 11.70
C THR B 284 16.13 11.54 11.51
N ALA B 285 16.96 11.64 12.55
CA ALA B 285 18.32 11.12 12.45
C ALA B 285 18.31 9.62 12.17
N PHE B 286 17.40 8.89 12.81
CA PHE B 286 17.32 7.45 12.59
C PHE B 286 16.97 7.11 11.16
N PHE B 287 16.01 7.84 10.58
CA PHE B 287 15.65 7.61 9.18
C PHE B 287 16.82 7.90 8.26
N HIS B 288 17.59 8.95 8.56
CA HIS B 288 18.78 9.22 7.78
C HIS B 288 19.77 8.06 7.87
N VAL B 289 19.93 7.48 9.06
CA VAL B 289 20.81 6.32 9.20
C VAL B 289 20.27 5.13 8.39
N CYS B 290 18.95 4.95 8.36
CA CYS B 290 18.38 3.90 7.53
C CYS B 290 18.70 4.11 6.06
N THR B 291 18.68 5.36 5.61
CA THR B 291 19.08 5.64 4.22
C THR B 291 20.55 5.33 4.01
N GLN B 292 21.40 5.65 4.99
CA GLN B 292 22.83 5.38 4.84
C GLN B 292 23.14 3.89 4.80
N ASN B 293 22.36 3.07 5.51
CA ASN B 293 22.60 1.64 5.64
C ASN B 293 21.39 0.88 5.12
N PRO B 294 21.22 0.82 3.79
CA PRO B 294 19.96 0.33 3.22
C PRO B 294 19.77 -1.18 3.27
N GLN B 295 20.82 -1.95 3.52
CA GLN B 295 20.71 -3.41 3.48
C GLN B 295 20.28 -3.96 4.83
N ASP B 296 19.40 -4.95 4.80
CA ASP B 296 18.96 -5.59 6.03
C ASP B 296 20.12 -6.22 6.78
N SER B 297 21.17 -6.65 6.05
CA SER B 297 22.33 -7.26 6.67
C SER B 297 23.19 -6.26 7.43
N GLN B 298 22.92 -4.97 7.29
CA GLN B 298 23.57 -3.96 8.11
C GLN B 298 22.82 -3.69 9.40
N TRP B 299 21.73 -4.42 9.66
CA TRP B 299 20.92 -4.26 10.85
C TRP B 299 20.66 -5.60 11.54
N ASP B 300 21.51 -6.59 11.30
CA ASP B 300 21.36 -7.90 11.91
C ASP B 300 21.20 -7.78 13.43
N ARG B 301 20.22 -8.51 13.98
CA ARG B 301 19.96 -8.43 15.41
C ARG B 301 21.22 -8.69 16.22
N LYS B 302 22.04 -9.64 15.76
CA LYS B 302 23.30 -9.95 16.44
C LYS B 302 24.15 -8.71 16.67
N ASP B 303 24.06 -7.72 15.77
CA ASP B 303 24.90 -6.53 15.82
C ASP B 303 24.21 -5.35 16.49
N LEU B 304 23.14 -5.58 17.27
CA LEU B 304 22.46 -4.49 17.96
C LEU B 304 23.45 -3.51 18.54
N GLY B 305 24.40 -4.03 19.33
CA GLY B 305 25.36 -3.17 20.00
C GLY B 305 26.05 -2.18 19.07
N LEU B 306 26.55 -2.68 17.94
CA LEU B 306 27.23 -1.76 17.03
C LEU B 306 26.22 -0.84 16.34
N CYS B 307 25.08 -1.41 15.91
CA CYS B 307 24.09 -0.60 15.20
C CYS B 307 23.67 0.59 16.03
N PHE B 308 23.25 0.34 17.28
CA PHE B 308 22.91 1.43 18.19
C PHE B 308 24.05 2.43 18.29
N ASP B 309 25.29 1.94 18.47
CA ASP B 309 26.42 2.86 18.56
C ASP B 309 26.46 3.76 17.34
N ASN B 310 26.32 3.17 16.15
CA ASN B 310 26.41 3.97 14.94
C ASN B 310 25.26 4.96 14.82
N CYS B 311 24.10 4.64 15.41
CA CYS B 311 23.04 5.63 15.50
C CYS B 311 23.47 6.79 16.37
N VAL B 312 23.96 6.48 17.59
CA VAL B 312 24.38 7.53 18.51
C VAL B 312 25.39 8.45 17.83
N THR B 313 26.45 7.85 17.29
CA THR B 313 27.46 8.62 16.57
C THR B 313 26.84 9.56 15.56
N TYR B 314 25.95 9.03 14.71
CA TYR B 314 25.37 9.90 13.68
C TYR B 314 24.63 11.07 14.33
N PHE B 315 23.79 10.77 15.33
CA PHE B 315 23.11 11.85 16.03
C PHE B 315 24.11 12.85 16.55
N LEU B 316 25.19 12.36 17.17
CA LEU B 316 26.24 13.24 17.67
C LEU B 316 26.78 14.11 16.54
N GLN B 317 27.07 13.51 15.38
CA GLN B 317 27.56 14.30 14.25
C GLN B 317 26.60 15.43 13.94
N CYS B 318 25.29 15.12 13.87
CA CYS B 318 24.30 16.14 13.58
C CYS B 318 24.36 17.26 14.60
N LEU B 319 24.58 16.94 15.87
CA LEU B 319 24.66 17.97 16.88
C LEU B 319 25.88 18.86 16.67
N ARG B 320 27.02 18.27 16.32
CA ARG B 320 28.26 19.05 16.24
C ARG B 320 28.24 19.97 15.03
N THR B 321 27.81 19.46 13.89
CA THR B 321 27.73 20.25 12.66
C THR B 321 26.46 21.08 12.58
N GLU B 322 25.60 21.02 13.59
CA GLU B 322 24.36 21.80 13.64
C GLU B 322 23.52 21.59 12.38
N LYS B 323 23.43 20.34 11.92
CA LYS B 323 22.72 20.04 10.69
C LYS B 323 21.93 18.75 10.85
N LEU B 324 20.60 18.86 10.74
CA LEU B 324 19.71 17.70 10.73
C LEU B 324 18.57 18.04 9.79
N GLU B 325 18.70 17.63 8.53
CA GLU B 325 17.67 17.92 7.54
C GLU B 325 16.39 17.17 7.89
N ASN B 326 15.26 17.87 7.81
CA ASN B 326 13.97 17.19 7.86
C ASN B 326 13.94 16.10 6.79
N TYR B 327 13.52 14.90 7.18
CA TYR B 327 13.61 13.76 6.28
C TYR B 327 12.74 13.94 5.04
N PHE B 328 11.67 14.73 5.15
CA PHE B 328 10.77 14.96 4.04
C PHE B 328 10.96 16.32 3.37
N ILE B 329 11.54 17.28 4.07
CA ILE B 329 11.78 18.62 3.55
C ILE B 329 13.26 18.94 3.69
N PRO B 330 14.09 18.59 2.70
CA PRO B 330 15.55 18.61 2.92
C PRO B 330 16.13 19.96 3.29
N GLU B 331 15.52 21.07 2.86
CA GLU B 331 16.09 22.38 3.13
C GLU B 331 15.67 22.95 4.47
N PHE B 332 14.80 22.28 5.21
CA PHE B 332 14.47 22.66 6.58
C PHE B 332 15.46 21.96 7.51
N ASN B 333 16.35 22.75 8.10
CA ASN B 333 17.37 22.23 9.02
C ASN B 333 16.80 22.27 10.43
N LEU B 334 16.53 21.09 10.99
CA LEU B 334 15.97 21.03 12.34
C LEU B 334 16.95 21.52 13.40
N PHE B 335 18.24 21.40 13.14
CA PHE B 335 19.28 21.81 14.08
C PHE B 335 19.85 23.19 13.75
N SER B 336 19.06 24.04 13.07
CA SER B 336 19.53 25.36 12.71
C SER B 336 19.80 26.20 13.94
N SER B 337 20.80 27.09 13.84
CA SER B 337 21.11 27.99 14.93
C SER B 337 19.95 28.91 15.26
N ASN B 338 19.03 29.13 14.32
CA ASN B 338 17.85 29.95 14.55
C ASN B 338 16.76 29.23 15.33
N LEU B 339 16.85 27.91 15.45
CA LEU B 339 15.90 27.11 16.22
C LEU B 339 16.45 26.63 17.54
N ILE B 340 17.70 26.17 17.55
CA ILE B 340 18.37 25.68 18.75
C ILE B 340 19.76 26.29 18.77
N ASP B 341 20.12 26.92 19.88
CA ASP B 341 21.41 27.57 19.94
C ASP B 341 22.50 26.53 20.26
N LYS B 342 23.75 26.91 20.00
CA LYS B 342 24.85 25.96 20.07
C LYS B 342 25.11 25.48 21.50
N ARG B 343 24.82 26.31 22.50
CA ARG B 343 25.01 25.90 23.89
C ARG B 343 24.22 24.63 24.21
N SER B 344 22.97 24.57 23.77
CA SER B 344 22.14 23.39 24.00
C SER B 344 22.70 22.16 23.30
N LYS B 345 23.13 22.31 22.05
CA LYS B 345 23.69 21.19 21.31
C LYS B 345 24.97 20.68 21.96
N GLU B 346 25.81 21.59 22.45
CA GLU B 346 27.04 21.19 23.13
C GLU B 346 26.73 20.48 24.44
N PHE B 347 25.74 20.96 25.19
CA PHE B 347 25.36 20.29 26.42
C PHE B 347 24.88 18.87 26.13
N LEU B 348 24.01 18.71 25.12
CA LEU B 348 23.49 17.39 24.79
C LEU B 348 24.62 16.48 24.29
N THR B 349 25.56 17.04 23.53
CA THR B 349 26.69 16.26 23.05
C THR B 349 27.53 15.76 24.20
N LYS B 350 27.85 16.64 25.16
CA LYS B 350 28.62 16.22 26.32
C LYS B 350 27.90 15.12 27.09
N GLN B 351 26.59 15.27 27.32
CA GLN B 351 25.85 14.26 28.06
C GLN B 351 25.87 12.92 27.34
N ILE B 352 25.56 12.93 26.03
CA ILE B 352 25.48 11.70 25.26
C ILE B 352 26.85 11.02 25.20
N GLU B 353 27.92 11.79 25.01
CA GLU B 353 29.25 11.20 24.93
C GLU B 353 29.66 10.59 26.26
N TYR B 354 29.34 11.26 27.37
CA TYR B 354 29.58 10.65 28.68
C TYR B 354 28.85 9.32 28.79
N GLU B 355 27.54 9.32 28.49
CA GLU B 355 26.75 8.10 28.56
C GLU B 355 27.37 6.98 27.73
N ARG B 356 27.74 7.28 26.48
CA ARG B 356 28.31 6.27 25.61
C ARG B 356 29.65 5.76 26.12
N ASN B 357 30.44 6.63 26.76
CA ASN B 357 31.71 6.19 27.29
C ASN B 357 31.57 5.38 28.57
N ASN B 358 30.42 5.45 29.25
CA ASN B 358 30.25 4.74 30.50
C ASN B 358 29.12 3.71 30.45
N GLU B 359 28.84 3.18 29.25
CA GLU B 359 27.84 2.13 29.06
C GLU B 359 26.44 2.55 29.51
N PHE B 360 26.10 3.80 29.22
CA PHE B 360 24.73 4.33 29.38
C PHE B 360 24.13 4.07 30.77
N PRO B 361 24.70 4.67 31.83
CA PRO B 361 24.06 4.53 33.15
C PRO B 361 22.73 5.24 33.27
N VAL B 362 22.43 6.20 32.40
CA VAL B 362 21.15 6.90 32.44
C VAL B 362 19.99 5.96 32.14
N PHE B 363 20.27 4.82 31.50
CA PHE B 363 19.21 3.86 31.20
C PHE B 363 18.63 3.25 32.46
N ASP B 364 19.43 3.13 33.51
CA ASP B 364 18.98 2.54 34.77
C ASP B 364 17.79 3.31 35.36
#